data_1R2L
# 
_entry.id   1R2L 
# 
_audit_conform.dict_name       mmcif_pdbx.dic 
_audit_conform.dict_version    5.392 
_audit_conform.dict_location   http://mmcif.pdb.org/dictionaries/ascii/mmcif_pdbx.dic 
# 
loop_
_database_2.database_id 
_database_2.database_code 
_database_2.pdbx_database_accession 
_database_2.pdbx_DOI 
PDB   1R2L         pdb_00001r2l 10.2210/pdb1r2l/pdb 
RCSB  RCSB020358   ?            ?                   
WWPDB D_1000020358 ?            ?                   
# 
loop_
_pdbx_audit_revision_history.ordinal 
_pdbx_audit_revision_history.data_content_type 
_pdbx_audit_revision_history.major_revision 
_pdbx_audit_revision_history.minor_revision 
_pdbx_audit_revision_history.revision_date 
1 'Structure model' 1 0 2004-10-12 
2 'Structure model' 1 1 2008-04-29 
3 'Structure model' 1 2 2011-07-13 
4 'Structure model' 1 3 2022-03-02 
5 'Structure model' 1 4 2024-05-22 
# 
_pdbx_audit_revision_details.ordinal             1 
_pdbx_audit_revision_details.revision_ordinal    1 
_pdbx_audit_revision_details.data_content_type   'Structure model' 
_pdbx_audit_revision_details.provider            repository 
_pdbx_audit_revision_details.type                'Initial release' 
_pdbx_audit_revision_details.description         ? 
_pdbx_audit_revision_details.details             ? 
# 
loop_
_pdbx_audit_revision_group.ordinal 
_pdbx_audit_revision_group.revision_ordinal 
_pdbx_audit_revision_group.data_content_type 
_pdbx_audit_revision_group.group 
1 2 'Structure model' 'Version format compliance' 
2 3 'Structure model' 'Version format compliance' 
3 4 'Structure model' 'Data collection'           
4 4 'Structure model' 'Database references'       
5 4 'Structure model' 'Derived calculations'      
6 5 'Structure model' 'Data collection'           
# 
loop_
_pdbx_audit_revision_category.ordinal 
_pdbx_audit_revision_category.revision_ordinal 
_pdbx_audit_revision_category.data_content_type 
_pdbx_audit_revision_category.category 
1 4 'Structure model' database_2            
2 4 'Structure model' pdbx_nmr_software     
3 4 'Structure model' pdbx_struct_assembly  
4 4 'Structure model' pdbx_struct_oper_list 
5 4 'Structure model' struct_conn           
6 5 'Structure model' chem_comp_atom        
7 5 'Structure model' chem_comp_bond        
# 
loop_
_pdbx_audit_revision_item.ordinal 
_pdbx_audit_revision_item.revision_ordinal 
_pdbx_audit_revision_item.data_content_type 
_pdbx_audit_revision_item.item 
1 4 'Structure model' '_database_2.pdbx_DOI'                
2 4 'Structure model' '_database_2.pdbx_database_accession' 
3 4 'Structure model' '_pdbx_nmr_software.name'             
4 4 'Structure model' '_struct_conn.pdbx_leaving_atom_flag' 
# 
_pdbx_database_status.status_code                     REL 
_pdbx_database_status.entry_id                        1R2L 
_pdbx_database_status.recvd_initial_deposition_date   2003-09-29 
_pdbx_database_status.deposit_site                    RCSB 
_pdbx_database_status.process_site                    RCSB 
_pdbx_database_status.status_code_mr                  REL 
_pdbx_database_status.SG_entry                        . 
_pdbx_database_status.status_code_sf                  ? 
_pdbx_database_status.pdb_format_compatible           Y 
_pdbx_database_status.status_code_cs                  ? 
_pdbx_database_status.status_code_nmr_data            ? 
_pdbx_database_status.methods_development_category    ? 
# 
_pdbx_database_related.db_name        PDB 
_pdbx_database_related.db_id          1JUU 
_pdbx_database_related.details        'NMR Structure Of A Parallel Stranded DNA Duplex At Atomic Resolution' 
_pdbx_database_related.content_type   unspecified 
# 
loop_
_audit_author.name 
_audit_author.pdbx_ordinal 
'Venkitakrishnan, R.P.' 1 
'Bhaumik, S.R.'         2 
'Chary, K.V.R.'         3 
'govil, G.'             4 
'Liu, K.'               5 
'Howard, F.B.'          6 
'Miles, T.H.'           7 
# 
_citation.id                        primary 
_citation.title                     'A parallel stranded DNA duplex with an A-G mismatch base-pair: (CCATAATTTACC:CCTATGAAATCC)' 
_citation.journal_abbrev            'RECENT TRENDS IN BIOPHYS.RES.' 
_citation.journal_volume            ? 
_citation.page_first                1 
_citation.page_last                 9 
_citation.year                      2004 
_citation.journal_id_ASTM           ? 
_citation.country                   ? 
_citation.journal_id_ISSN           ? 
_citation.journal_id_CSD            0353 
_citation.book_publisher            ? 
_citation.pdbx_database_id_PubMed   -1 
_citation.pdbx_database_id_DOI      ? 
# 
loop_
_citation_author.citation_id 
_citation_author.name 
_citation_author.ordinal 
_citation_author.identifier_ORCID 
primary 'Venkitakrishnan, R.P.' 1 ? 
primary 'Bhaumik, S.R.'         2 ? 
primary 'Chary, K.V.R.'         3 ? 
primary 'govil, G.'             4 ? 
primary 'Liu, K.'               5 ? 
primary 'Howard, F.B.'          6 ? 
primary 'Miles, T.H.'           7 ? 
# 
loop_
_entity.id 
_entity.type 
_entity.src_method 
_entity.pdbx_description 
_entity.formula_weight 
_entity.pdbx_number_of_molecules 
_entity.pdbx_ec 
_entity.pdbx_mutation 
_entity.pdbx_fragment 
_entity.details 
1 polymer syn 
;DNA (5'-D(P*(DNR)P*(DNR)P*DAP*DTP*DAP*DAP*DTP*DTP*DTP*DAP*(DNR)P*(DNR))-3')
;
3585.400 1 ? ? ? ps-DNA 
2 polymer syn "5'-D(P*CP*CP*TP*AP*TP*GP*AP*AP*AP*TP*CP*C)-3'"                               3606.381 1 ? ? ? ps-DNA 
# 
loop_
_entity_poly.entity_id 
_entity_poly.type 
_entity_poly.nstd_linkage 
_entity_poly.nstd_monomer 
_entity_poly.pdbx_seq_one_letter_code 
_entity_poly.pdbx_seq_one_letter_code_can 
_entity_poly.pdbx_strand_id 
_entity_poly.pdbx_target_identifier 
1 polydeoxyribonucleotide no yes '(DNR)(DNR)(DA)(DT)(DA)(DA)(DT)(DT)(DT)(DA)(DNR)(DNR)' CCATAATTTACC A ? 
2 polydeoxyribonucleotide no no  '(DC)(DC)(DT)(DA)(DT)(DG)(DA)(DA)(DA)(DT)(DC)(DC)'     CCTATGAAATCC B ? 
# 
loop_
_entity_poly_seq.entity_id 
_entity_poly_seq.num 
_entity_poly_seq.mon_id 
_entity_poly_seq.hetero 
1 1  DNR n 
1 2  DNR n 
1 3  DA  n 
1 4  DT  n 
1 5  DA  n 
1 6  DA  n 
1 7  DT  n 
1 8  DT  n 
1 9  DT  n 
1 10 DA  n 
1 11 DNR n 
1 12 DNR n 
2 1  DC  n 
2 2  DC  n 
2 3  DT  n 
2 4  DA  n 
2 5  DT  n 
2 6  DG  n 
2 7  DA  n 
2 8  DA  n 
2 9  DA  n 
2 10 DT  n 
2 11 DC  n 
2 12 DC  n 
# 
_pdbx_entity_src_syn.entity_id              1 
_pdbx_entity_src_syn.pdbx_src_id            1 
_pdbx_entity_src_syn.pdbx_alt_source_flag   sample 
_pdbx_entity_src_syn.pdbx_beg_seq_num       ? 
_pdbx_entity_src_syn.pdbx_end_seq_num       ? 
_pdbx_entity_src_syn.organism_scientific    ? 
_pdbx_entity_src_syn.organism_common_name   ? 
_pdbx_entity_src_syn.ncbi_taxonomy_id       ? 
_pdbx_entity_src_syn.details                
'the DNA duplex was synthesized with an applied biosystems model 380b DNA synthesizer using solid state phosphoramidate chemistry.' 
# 
loop_
_chem_comp.id 
_chem_comp.type 
_chem_comp.mon_nstd_flag 
_chem_comp.name 
_chem_comp.pdbx_synonyms 
_chem_comp.formula 
_chem_comp.formula_weight 
DA  'DNA linking' y "2'-DEOXYADENOSINE-5'-MONOPHOSPHATE"               ? 'C10 H14 N5 O6 P'  331.222 
DC  'DNA linking' y "2'-DEOXYCYTIDINE-5'-MONOPHOSPHATE"                ? 'C9 H14 N3 O7 P'   307.197 
DG  'DNA linking' y "2'-DEOXYGUANOSINE-5'-MONOPHOSPHATE"               ? 'C10 H14 N5 O7 P'  347.221 
DNR 'DNA linking' n 
;2'-DEOXY-N3-PROTONATED CYTIDINE-5'-MONOPHOSPHATE
;
? 'C9 H15 N3 O7 P 1' 308.205 
DT  'DNA linking' y "THYMIDINE-5'-MONOPHOSPHATE"                       ? 'C10 H15 N2 O8 P'  322.208 
# 
loop_
_pdbx_poly_seq_scheme.asym_id 
_pdbx_poly_seq_scheme.entity_id 
_pdbx_poly_seq_scheme.seq_id 
_pdbx_poly_seq_scheme.mon_id 
_pdbx_poly_seq_scheme.ndb_seq_num 
_pdbx_poly_seq_scheme.pdb_seq_num 
_pdbx_poly_seq_scheme.auth_seq_num 
_pdbx_poly_seq_scheme.pdb_mon_id 
_pdbx_poly_seq_scheme.auth_mon_id 
_pdbx_poly_seq_scheme.pdb_strand_id 
_pdbx_poly_seq_scheme.pdb_ins_code 
_pdbx_poly_seq_scheme.hetero 
A 1 1  DNR 1  1  1  DNR DNR A . n 
A 1 2  DNR 2  2  2  DNR DNR A . n 
A 1 3  DA  3  3  3  DA  DA  A . n 
A 1 4  DT  4  4  4  DT  DT  A . n 
A 1 5  DA  5  5  5  DA  DA  A . n 
A 1 6  DA  6  6  6  DA  DA  A . n 
A 1 7  DT  7  7  7  DT  DT  A . n 
A 1 8  DT  8  8  8  DT  DT  A . n 
A 1 9  DT  9  9  9  DT  DT  A . n 
A 1 10 DA  10 10 10 DA  DA  A . n 
A 1 11 DNR 11 11 11 DNR DNR A . n 
A 1 12 DNR 12 12 12 DNR DNR A . n 
B 2 1  DC  1  1  1  DC  DC  B . n 
B 2 2  DC  2  2  2  DC  DC  B . n 
B 2 3  DT  3  3  3  DT  DT  B . n 
B 2 4  DA  4  4  4  DA  DA  B . n 
B 2 5  DT  5  5  5  DT  DT  B . n 
B 2 6  DG  6  6  6  DG  DG  B . n 
B 2 7  DA  7  7  7  DA  DA  B . n 
B 2 8  DA  8  8  8  DA  DA  B . n 
B 2 9  DA  9  9  9  DA  DA  B . n 
B 2 10 DT  10 10 10 DT  DT  B . n 
B 2 11 DC  11 11 11 DC  DC  B . n 
B 2 12 DC  12 12 12 DC  DC  B . n 
# 
_cell.entry_id           1R2L 
_cell.length_a           1.000 
_cell.length_b           1.000 
_cell.length_c           1.000 
_cell.angle_alpha        90.00 
_cell.angle_beta         90.00 
_cell.angle_gamma        90.00 
_cell.Z_PDB              1 
_cell.pdbx_unique_axis   ? 
# 
_symmetry.entry_id                         1R2L 
_symmetry.space_group_name_H-M             'P 1' 
_symmetry.pdbx_full_space_group_name_H-M   ? 
_symmetry.cell_setting                     ? 
_symmetry.Int_Tables_number                1 
# 
_exptl.entry_id          1R2L 
_exptl.method            'SOLUTION NMR' 
_exptl.crystals_number   ? 
# 
_exptl_crystal.id                    1 
_exptl_crystal.density_meas          ? 
_exptl_crystal.density_Matthews      ? 
_exptl_crystal.density_percent_sol   ? 
_exptl_crystal.description           ? 
# 
_diffrn.id                     1 
_diffrn.ambient_temp           ? 
_diffrn.ambient_temp_details   ? 
_diffrn.crystal_id             1 
# 
_diffrn_radiation.diffrn_id                        1 
_diffrn_radiation.wavelength_id                    1 
_diffrn_radiation.pdbx_monochromatic_or_laue_m_l   M 
_diffrn_radiation.monochromator                    ? 
_diffrn_radiation.pdbx_diffrn_protocol             'SINGLE WAVELENGTH' 
_diffrn_radiation.pdbx_scattering_type             ? 
# 
_diffrn_radiation_wavelength.id           1 
_diffrn_radiation_wavelength.wavelength   . 
_diffrn_radiation_wavelength.wt           1.0 
# 
_struct.entry_id                  1R2L 
_struct.title                     'A parallel stranded DNA duplex with an A-G mismatch base-pair' 
_struct.pdbx_model_details        ? 
_struct.pdbx_CASP_flag            ? 
_struct.pdbx_model_type_details   'minimized average' 
# 
_struct_keywords.entry_id        1R2L 
_struct_keywords.pdbx_keywords   DNA 
_struct_keywords.text            'ps-DNA, A:G mismatch, parallel DNA duplex, DNA' 
# 
loop_
_struct_asym.id 
_struct_asym.pdbx_blank_PDB_chainid_flag 
_struct_asym.pdbx_modified 
_struct_asym.entity_id 
_struct_asym.details 
A N N 1 ? 
B N N 2 ? 
# 
loop_
_struct_ref.id 
_struct_ref.entity_id 
_struct_ref.db_name 
_struct_ref.db_code 
_struct_ref.pdbx_db_accession 
_struct_ref.pdbx_align_begin 
_struct_ref.pdbx_seq_one_letter_code 
_struct_ref.pdbx_db_isoform 
1 1 PDB 1R2L 1R2L ? ? ? 
2 2 PDB 1R2L 1R2L ? ? ? 
# 
loop_
_struct_ref_seq.align_id 
_struct_ref_seq.ref_id 
_struct_ref_seq.pdbx_PDB_id_code 
_struct_ref_seq.pdbx_strand_id 
_struct_ref_seq.seq_align_beg 
_struct_ref_seq.pdbx_seq_align_beg_ins_code 
_struct_ref_seq.seq_align_end 
_struct_ref_seq.pdbx_seq_align_end_ins_code 
_struct_ref_seq.pdbx_db_accession 
_struct_ref_seq.db_align_beg 
_struct_ref_seq.pdbx_db_align_beg_ins_code 
_struct_ref_seq.db_align_end 
_struct_ref_seq.pdbx_db_align_end_ins_code 
_struct_ref_seq.pdbx_auth_seq_align_beg 
_struct_ref_seq.pdbx_auth_seq_align_end 
1 1 1R2L A 1 ? 12 ? 1R2L 1 ? 12 ? 1 12 
2 2 1R2L B 1 ? 12 ? 1R2L 1 ? 12 ? 1 12 
# 
_pdbx_struct_assembly.id                   1 
_pdbx_struct_assembly.details              author_defined_assembly 
_pdbx_struct_assembly.method_details       ? 
_pdbx_struct_assembly.oligomeric_details   dimeric 
_pdbx_struct_assembly.oligomeric_count     2 
# 
_pdbx_struct_assembly_gen.assembly_id       1 
_pdbx_struct_assembly_gen.oper_expression   1 
_pdbx_struct_assembly_gen.asym_id_list      A,B 
# 
_pdbx_struct_oper_list.id                   1 
_pdbx_struct_oper_list.type                 'identity operation' 
_pdbx_struct_oper_list.name                 1_555 
_pdbx_struct_oper_list.symmetry_operation   x,y,z 
_pdbx_struct_oper_list.matrix[1][1]         1.0000000000 
_pdbx_struct_oper_list.matrix[1][2]         0.0000000000 
_pdbx_struct_oper_list.matrix[1][3]         0.0000000000 
_pdbx_struct_oper_list.vector[1]            0.0000000000 
_pdbx_struct_oper_list.matrix[2][1]         0.0000000000 
_pdbx_struct_oper_list.matrix[2][2]         1.0000000000 
_pdbx_struct_oper_list.matrix[2][3]         0.0000000000 
_pdbx_struct_oper_list.vector[2]            0.0000000000 
_pdbx_struct_oper_list.matrix[3][1]         0.0000000000 
_pdbx_struct_oper_list.matrix[3][2]         0.0000000000 
_pdbx_struct_oper_list.matrix[3][3]         1.0000000000 
_pdbx_struct_oper_list.vector[3]            0.0000000000 
# 
_struct_biol.id        1 
_struct_biol.details   ? 
# 
loop_
_struct_conn.id 
_struct_conn.conn_type_id 
_struct_conn.pdbx_leaving_atom_flag 
_struct_conn.pdbx_PDB_id 
_struct_conn.ptnr1_label_asym_id 
_struct_conn.ptnr1_label_comp_id 
_struct_conn.ptnr1_label_seq_id 
_struct_conn.ptnr1_label_atom_id 
_struct_conn.pdbx_ptnr1_label_alt_id 
_struct_conn.pdbx_ptnr1_PDB_ins_code 
_struct_conn.pdbx_ptnr1_standard_comp_id 
_struct_conn.ptnr1_symmetry 
_struct_conn.ptnr2_label_asym_id 
_struct_conn.ptnr2_label_comp_id 
_struct_conn.ptnr2_label_seq_id 
_struct_conn.ptnr2_label_atom_id 
_struct_conn.pdbx_ptnr2_label_alt_id 
_struct_conn.pdbx_ptnr2_PDB_ins_code 
_struct_conn.ptnr1_auth_asym_id 
_struct_conn.ptnr1_auth_comp_id 
_struct_conn.ptnr1_auth_seq_id 
_struct_conn.ptnr2_auth_asym_id 
_struct_conn.ptnr2_auth_comp_id 
_struct_conn.ptnr2_auth_seq_id 
_struct_conn.ptnr2_symmetry 
_struct_conn.pdbx_ptnr3_label_atom_id 
_struct_conn.pdbx_ptnr3_label_seq_id 
_struct_conn.pdbx_ptnr3_label_comp_id 
_struct_conn.pdbx_ptnr3_label_asym_id 
_struct_conn.pdbx_ptnr3_label_alt_id 
_struct_conn.pdbx_ptnr3_PDB_ins_code 
_struct_conn.details 
_struct_conn.pdbx_dist_value 
_struct_conn.pdbx_value_order 
_struct_conn.pdbx_role 
covale1  covale both ? A DNR 1  "O3'" ? ? ? 1_555 A DNR 2  P  ? ? A DNR 1  A DNR 2  1_555 ? ? ? ? ? ? ?                       
1.620 ? ? 
covale2  covale both ? A DNR 2  "O3'" ? ? ? 1_555 A DA  3  P  ? ? A DNR 2  A DA  3  1_555 ? ? ? ? ? ? ?                       
1.623 ? ? 
covale3  covale both ? A DA  10 "O3'" ? ? ? 1_555 A DNR 11 P  ? ? A DA  10 A DNR 11 1_555 ? ? ? ? ? ? ?                       
1.618 ? ? 
covale4  covale both ? A DNR 11 "O3'" ? ? ? 1_555 A DNR 12 P  ? ? A DNR 11 A DNR 12 1_555 ? ? ? ? ? ? ?                       
1.624 ? ? 
hydrog1  hydrog ?    ? A DNR 1  N4    ? ? ? 1_555 B DC  1  O2 ? ? A DNR 1  B DC  1  1_555 ? ? ? ? ? ? TYPE_15_PAIR            ? ? 
? 
hydrog2  hydrog ?    ? A DNR 1  O2    ? ? ? 1_555 B DC  1  N4 ? ? A DNR 1  B DC  1  1_555 ? ? ? ? ? ? TYPE_15_PAIR            ? ? 
? 
hydrog3  hydrog ?    ? A DNR 2  N4    ? ? ? 1_555 B DC  2  O2 ? ? A DNR 2  B DC  2  1_555 ? ? ? ? ? ? TYPE_15_PAIR            ? ? 
? 
hydrog4  hydrog ?    ? A DNR 2  O2    ? ? ? 1_555 B DC  2  N4 ? ? A DNR 2  B DC  2  1_555 ? ? ? ? ? ? TYPE_15_PAIR            ? ? 
? 
hydrog5  hydrog ?    ? A DA  3  N1    ? ? ? 1_555 B DT  3  N3 ? ? A DA  3  B DT  3  1_555 ? ? ? ? ? ? 'REVERSED WATSON-CRICK' ? ? 
? 
hydrog6  hydrog ?    ? A DA  3  N6    ? ? ? 1_555 B DT  3  O2 ? ? A DA  3  B DT  3  1_555 ? ? ? ? ? ? 'REVERSED WATSON-CRICK' ? ? 
? 
hydrog7  hydrog ?    ? A DT  4  N3    ? ? ? 1_555 B DA  4  N1 ? ? A DT  4  B DA  4  1_555 ? ? ? ? ? ? 'REVERSED WATSON-CRICK' ? ? 
? 
hydrog8  hydrog ?    ? A DT  4  O2    ? ? ? 1_555 B DA  4  N6 ? ? A DT  4  B DA  4  1_555 ? ? ? ? ? ? 'REVERSED WATSON-CRICK' ? ? 
? 
hydrog9  hydrog ?    ? A DA  5  N1    ? ? ? 1_555 B DT  5  N3 ? ? A DA  5  B DT  5  1_555 ? ? ? ? ? ? 'REVERSED WATSON-CRICK' ? ? 
? 
hydrog10 hydrog ?    ? A DA  5  N6    ? ? ? 1_555 B DT  5  O2 ? ? A DA  5  B DT  5  1_555 ? ? ? ? ? ? 'REVERSED WATSON-CRICK' ? ? 
? 
hydrog11 hydrog ?    ? A DA  6  N1    ? ? ? 1_555 B DG  6  N1 ? ? A DA  6  B DG  6  1_555 ? ? ? ? ? ? 'DA-DG MISPAIR'         ? ? 
? 
hydrog12 hydrog ?    ? A DT  7  N3    ? ? ? 1_555 B DA  7  N1 ? ? A DT  7  B DA  7  1_555 ? ? ? ? ? ? 'REVERSED WATSON-CRICK' ? ? 
? 
hydrog13 hydrog ?    ? A DT  7  O2    ? ? ? 1_555 B DA  7  N6 ? ? A DT  7  B DA  7  1_555 ? ? ? ? ? ? 'REVERSED WATSON-CRICK' ? ? 
? 
hydrog14 hydrog ?    ? A DT  8  N3    ? ? ? 1_555 B DA  8  N1 ? ? A DT  8  B DA  8  1_555 ? ? ? ? ? ? 'REVERSED WATSON-CRICK' ? ? 
? 
hydrog15 hydrog ?    ? A DT  8  O2    ? ? ? 1_555 B DA  8  N6 ? ? A DT  8  B DA  8  1_555 ? ? ? ? ? ? 'REVERSED WATSON-CRICK' ? ? 
? 
hydrog16 hydrog ?    ? A DT  9  N3    ? ? ? 1_555 B DA  9  N1 ? ? A DT  9  B DA  9  1_555 ? ? ? ? ? ? 'REVERSED WATSON-CRICK' ? ? 
? 
hydrog17 hydrog ?    ? A DT  9  O2    ? ? ? 1_555 B DA  9  N6 ? ? A DT  9  B DA  9  1_555 ? ? ? ? ? ? 'REVERSED WATSON-CRICK' ? ? 
? 
hydrog18 hydrog ?    ? A DA  10 N1    ? ? ? 1_555 B DA  9  N6 ? ? A DA  10 B DA  9  1_555 ? ? ? ? ? ? 'DA-DA MISPAIR'         ? ? 
? 
hydrog19 hydrog ?    ? A DA  10 N1    ? ? ? 1_555 B DT  10 N3 ? ? A DA  10 B DT  10 1_555 ? ? ? ? ? ? 'REVERSED WATSON-CRICK' ? ? 
? 
hydrog20 hydrog ?    ? A DA  10 N6    ? ? ? 1_555 B DT  10 O2 ? ? A DA  10 B DT  10 1_555 ? ? ? ? ? ? 'REVERSED WATSON-CRICK' ? ? 
? 
hydrog21 hydrog ?    ? A DNR 12 N4    ? ? ? 1_555 B DC  12 O2 ? ? A DNR 12 B DC  12 1_555 ? ? ? ? ? ? TYPE_15_PAIR            ? ? 
? 
hydrog22 hydrog ?    ? A DNR 12 O2    ? ? ? 1_555 B DC  12 N4 ? ? A DNR 12 B DC  12 1_555 ? ? ? ? ? ? TYPE_15_PAIR            ? ? 
? 
# 
loop_
_struct_conn_type.id 
_struct_conn_type.criteria 
_struct_conn_type.reference 
covale ? ? 
hydrog ? ? 
# 
loop_
_pdbx_validate_rmsd_bond.id 
_pdbx_validate_rmsd_bond.PDB_model_num 
_pdbx_validate_rmsd_bond.auth_atom_id_1 
_pdbx_validate_rmsd_bond.auth_asym_id_1 
_pdbx_validate_rmsd_bond.auth_comp_id_1 
_pdbx_validate_rmsd_bond.auth_seq_id_1 
_pdbx_validate_rmsd_bond.PDB_ins_code_1 
_pdbx_validate_rmsd_bond.label_alt_id_1 
_pdbx_validate_rmsd_bond.auth_atom_id_2 
_pdbx_validate_rmsd_bond.auth_asym_id_2 
_pdbx_validate_rmsd_bond.auth_comp_id_2 
_pdbx_validate_rmsd_bond.auth_seq_id_2 
_pdbx_validate_rmsd_bond.PDB_ins_code_2 
_pdbx_validate_rmsd_bond.label_alt_id_2 
_pdbx_validate_rmsd_bond.bond_value 
_pdbx_validate_rmsd_bond.bond_target_value 
_pdbx_validate_rmsd_bond.bond_deviation 
_pdbx_validate_rmsd_bond.bond_standard_deviation 
_pdbx_validate_rmsd_bond.linker_flag 
1 1 C5 A DT 8  ? ? C7 A DT 8  ? ? 1.537 1.496 0.041 0.006 N 
2 1 C5 A DT 9  ? ? C7 A DT 9  ? ? 1.536 1.496 0.040 0.006 N 
3 1 C5 B DT 3  ? ? C7 B DT 3  ? ? 1.532 1.496 0.036 0.006 N 
4 1 C5 B DT 10 ? ? C7 B DT 10 ? ? 1.535 1.496 0.039 0.006 N 
# 
loop_
_pdbx_validate_rmsd_angle.id 
_pdbx_validate_rmsd_angle.PDB_model_num 
_pdbx_validate_rmsd_angle.auth_atom_id_1 
_pdbx_validate_rmsd_angle.auth_asym_id_1 
_pdbx_validate_rmsd_angle.auth_comp_id_1 
_pdbx_validate_rmsd_angle.auth_seq_id_1 
_pdbx_validate_rmsd_angle.PDB_ins_code_1 
_pdbx_validate_rmsd_angle.label_alt_id_1 
_pdbx_validate_rmsd_angle.auth_atom_id_2 
_pdbx_validate_rmsd_angle.auth_asym_id_2 
_pdbx_validate_rmsd_angle.auth_comp_id_2 
_pdbx_validate_rmsd_angle.auth_seq_id_2 
_pdbx_validate_rmsd_angle.PDB_ins_code_2 
_pdbx_validate_rmsd_angle.label_alt_id_2 
_pdbx_validate_rmsd_angle.auth_atom_id_3 
_pdbx_validate_rmsd_angle.auth_asym_id_3 
_pdbx_validate_rmsd_angle.auth_comp_id_3 
_pdbx_validate_rmsd_angle.auth_seq_id_3 
_pdbx_validate_rmsd_angle.PDB_ins_code_3 
_pdbx_validate_rmsd_angle.label_alt_id_3 
_pdbx_validate_rmsd_angle.angle_value 
_pdbx_validate_rmsd_angle.angle_target_value 
_pdbx_validate_rmsd_angle.angle_deviation 
_pdbx_validate_rmsd_angle.angle_standard_deviation 
_pdbx_validate_rmsd_angle.linker_flag 
1  1 C4    A DA 3  ? ? C5    A DA 3  ? ? C6    A DA 3  ? ? 112.76 117.00 -4.24  0.50 N 
2  1 C5    A DA 3  ? ? C6    A DA 3  ? ? N1    A DA 3  ? ? 122.43 117.70 4.73   0.50 N 
3  1 N1    A DA 3  ? ? C6    A DA 3  ? ? N6    A DA 3  ? ? 113.25 118.60 -5.35  0.60 N 
4  1 "O4'" A DT 4  ? ? "C1'" A DT 4  ? ? N1    A DT 4  ? ? 103.77 108.00 -4.23  0.70 N 
5  1 N1    A DT 4  ? ? C2    A DT 4  ? ? O2    A DT 4  ? ? 128.36 123.10 5.26   0.80 N 
6  1 N3    A DT 4  ? ? C2    A DT 4  ? ? O2    A DT 4  ? ? 115.05 122.30 -7.25  0.60 N 
7  1 C6    A DT 4  ? ? C5    A DT 4  ? ? C7    A DT 4  ? ? 107.44 122.90 -15.46 0.60 N 
8  1 C4    A DA 5  ? ? C5    A DA 5  ? ? C6    A DA 5  ? ? 113.64 117.00 -3.36  0.50 N 
9  1 C5    A DA 5  ? ? C6    A DA 5  ? ? N1    A DA 5  ? ? 121.89 117.70 4.19   0.50 N 
10 1 N1    A DA 5  ? ? C6    A DA 5  ? ? N6    A DA 5  ? ? 111.87 118.60 -6.73  0.60 N 
11 1 C4    A DA 6  ? ? C5    A DA 6  ? ? C6    A DA 6  ? ? 113.26 117.00 -3.74  0.50 N 
12 1 C5    A DA 6  ? ? C6    A DA 6  ? ? N1    A DA 6  ? ? 123.39 117.70 5.69   0.50 N 
13 1 N1    A DA 6  ? ? C6    A DA 6  ? ? N6    A DA 6  ? ? 112.31 118.60 -6.29  0.60 N 
14 1 "O4'" A DT 7  ? ? "C1'" A DT 7  ? ? "C2'" A DT 7  ? ? 100.87 105.90 -5.03  0.80 N 
15 1 N3    A DT 7  ? ? C2    A DT 7  ? ? O2    A DT 7  ? ? 115.56 122.30 -6.74  0.60 N 
16 1 C4    A DT 7  ? ? C5    A DT 7  ? ? C7    A DT 7  ? ? 123.47 119.00 4.47   0.60 N 
17 1 C6    A DT 7  ? ? C5    A DT 7  ? ? C7    A DT 7  ? ? 116.78 122.90 -6.12  0.60 N 
18 1 N3    A DT 8  ? ? C2    A DT 8  ? ? O2    A DT 8  ? ? 116.98 122.30 -5.32  0.60 N 
19 1 C6    A DT 8  ? ? C5    A DT 8  ? ? C7    A DT 8  ? ? 118.17 122.90 -4.73  0.60 N 
20 1 N3    A DT 9  ? ? C2    A DT 9  ? ? O2    A DT 9  ? ? 117.26 122.30 -5.04  0.60 N 
21 1 C6    A DT 9  ? ? C5    A DT 9  ? ? C7    A DT 9  ? ? 119.19 122.90 -3.71  0.60 N 
22 1 C4    A DA 10 ? ? C5    A DA 10 ? ? C6    A DA 10 ? ? 112.47 117.00 -4.53  0.50 N 
23 1 C5    A DA 10 ? ? C6    A DA 10 ? ? N1    A DA 10 ? ? 121.89 117.70 4.19   0.50 N 
24 1 N1    A DA 10 ? ? C6    A DA 10 ? ? N6    A DA 10 ? ? 112.36 118.60 -6.24  0.60 N 
25 1 N3    B DC 1  ? ? C2    B DC 1  ? ? O2    B DC 1  ? ? 116.96 121.90 -4.94  0.70 N 
26 1 N3    B DC 2  ? ? C2    B DC 2  ? ? O2    B DC 2  ? ? 117.57 121.90 -4.33  0.70 N 
27 1 N3    B DT 3  ? ? C2    B DT 3  ? ? O2    B DT 3  ? ? 117.74 122.30 -4.56  0.60 N 
28 1 C6    B DT 3  ? ? C5    B DT 3  ? ? C7    B DT 3  ? ? 119.15 122.90 -3.75  0.60 N 
29 1 C4    B DA 4  ? ? C5    B DA 4  ? ? C6    B DA 4  ? ? 113.44 117.00 -3.56  0.50 N 
30 1 C5    B DA 4  ? ? C6    B DA 4  ? ? N1    B DA 4  ? ? 121.57 117.70 3.87   0.50 N 
31 1 N1    B DA 4  ? ? C6    B DA 4  ? ? N6    B DA 4  ? ? 110.92 118.60 -7.68  0.60 N 
32 1 N3    B DT 5  ? ? C2    B DT 5  ? ? O2    B DT 5  ? ? 116.62 122.30 -5.68  0.60 N 
33 1 C4    B DT 5  ? ? C5    B DT 5  ? ? C7    B DT 5  ? ? 125.16 119.00 6.16   0.60 N 
34 1 C6    B DT 5  ? ? C5    B DT 5  ? ? C7    B DT 5  ? ? 113.65 122.90 -9.25  0.60 N 
35 1 C5    B DG 6  ? ? C6    B DG 6  ? ? N1    B DG 6  ? ? 114.60 111.50 3.10   0.50 N 
36 1 N3    B DG 6  ? ? C2    B DG 6  ? ? N2    B DG 6  ? ? 114.75 119.90 -5.15  0.70 N 
37 1 N1    B DG 6  ? ? C6    B DG 6  ? ? O6    B DG 6  ? ? 116.17 119.90 -3.73  0.60 N 
38 1 C4    B DA 7  ? ? C5    B DA 7  ? ? C6    B DA 7  ? ? 113.74 117.00 -3.26  0.50 N 
39 1 C5    B DA 7  ? ? C6    B DA 7  ? ? N1    B DA 7  ? ? 121.97 117.70 4.27   0.50 N 
40 1 N1    B DA 7  ? ? C6    B DA 7  ? ? N6    B DA 7  ? ? 111.26 118.60 -7.34  0.60 N 
41 1 C4    B DA 8  ? ? C5    B DA 8  ? ? C6    B DA 8  ? ? 113.40 117.00 -3.60  0.50 N 
42 1 C5    B DA 8  ? ? C6    B DA 8  ? ? N1    B DA 8  ? ? 122.13 117.70 4.43   0.50 N 
43 1 N1    B DA 8  ? ? C6    B DA 8  ? ? N6    B DA 8  ? ? 112.72 118.60 -5.88  0.60 N 
44 1 C4    B DA 9  ? ? C5    B DA 9  ? ? C6    B DA 9  ? ? 113.20 117.00 -3.80  0.50 N 
45 1 C5    B DA 9  ? ? C6    B DA 9  ? ? N1    B DA 9  ? ? 122.52 117.70 4.82   0.50 N 
46 1 N1    B DA 9  ? ? C6    B DA 9  ? ? N6    B DA 9  ? ? 113.53 118.60 -5.07  0.60 N 
47 1 N3    B DT 10 ? ? C2    B DT 10 ? ? O2    B DT 10 ? ? 118.18 122.30 -4.12  0.60 N 
48 1 N3    B DC 11 ? ? C2    B DC 11 ? ? O2    B DC 11 ? ? 117.48 121.90 -4.42  0.70 N 
49 1 N3    B DC 12 ? ? C2    B DC 12 ? ? O2    B DC 12 ? ? 117.62 121.90 -4.28  0.70 N 
50 1 N3    B DC 12 ? ? C4    B DC 12 ? ? N4    B DC 12 ? ? 112.66 118.00 -5.34  0.70 N 
# 
loop_
_pdbx_validate_planes.id 
_pdbx_validate_planes.PDB_model_num 
_pdbx_validate_planes.auth_comp_id 
_pdbx_validate_planes.auth_asym_id 
_pdbx_validate_planes.auth_seq_id 
_pdbx_validate_planes.PDB_ins_code 
_pdbx_validate_planes.label_alt_id 
_pdbx_validate_planes.rmsd 
_pdbx_validate_planes.type 
1  1 DA A 3  ? ? 0.217 'SIDE CHAIN' 
2  1 DT A 4  ? ? 0.112 'SIDE CHAIN' 
3  1 DA A 5  ? ? 0.089 'SIDE CHAIN' 
4  1 DA A 6  ? ? 0.111 'SIDE CHAIN' 
5  1 DT A 7  ? ? 0.090 'SIDE CHAIN' 
6  1 DC B 1  ? ? 0.100 'SIDE CHAIN' 
7  1 DC B 2  ? ? 0.093 'SIDE CHAIN' 
8  1 DT B 3  ? ? 0.097 'SIDE CHAIN' 
9  1 DA B 4  ? ? 0.152 'SIDE CHAIN' 
10 1 DT B 5  ? ? 0.080 'SIDE CHAIN' 
11 1 DA B 7  ? ? 0.063 'SIDE CHAIN' 
12 1 DA B 8  ? ? 0.129 'SIDE CHAIN' 
13 1 DC B 11 ? ? 0.082 'SIDE CHAIN' 
14 1 DC B 12 ? ? 0.072 'SIDE CHAIN' 
# 
loop_
_pdbx_struct_mod_residue.id 
_pdbx_struct_mod_residue.label_asym_id 
_pdbx_struct_mod_residue.label_comp_id 
_pdbx_struct_mod_residue.label_seq_id 
_pdbx_struct_mod_residue.auth_asym_id 
_pdbx_struct_mod_residue.auth_comp_id 
_pdbx_struct_mod_residue.auth_seq_id 
_pdbx_struct_mod_residue.PDB_ins_code 
_pdbx_struct_mod_residue.parent_comp_id 
_pdbx_struct_mod_residue.details 
1 A DNR 1  A DNR 1  ? DC ? 
2 A DNR 2  A DNR 2  ? DC ? 
3 A DNR 11 A DNR 11 ? DC ? 
4 A DNR 12 A DNR 12 ? DC ? 
# 
_pdbx_nmr_ensemble.entry_id                                      1R2L 
_pdbx_nmr_ensemble.conformers_calculated_total_number            1 
_pdbx_nmr_ensemble.conformers_submitted_total_number             1 
_pdbx_nmr_ensemble.conformer_selection_criteria                  'energy minimized using the NMR constraints' 
_pdbx_nmr_ensemble.average_constraints_per_residue               ? 
_pdbx_nmr_ensemble.average_constraint_violations_per_residue     ? 
_pdbx_nmr_ensemble.maximum_distance_constraint_violation         ? 
_pdbx_nmr_ensemble.average_distance_constraint_violation         ? 
_pdbx_nmr_ensemble.maximum_upper_distance_constraint_violation   ? 
_pdbx_nmr_ensemble.maximum_lower_distance_constraint_violation   ? 
_pdbx_nmr_ensemble.distance_constraint_violation_method          ? 
_pdbx_nmr_ensemble.maximum_torsion_angle_constraint_violation    ? 
_pdbx_nmr_ensemble.average_torsion_angle_constraint_violation    ? 
_pdbx_nmr_ensemble.torsion_angle_constraint_violation_method     ? 
# 
_pdbx_nmr_representative.entry_id             1R2L 
_pdbx_nmr_representative.conformer_id         1 
_pdbx_nmr_representative.selection_criteria   'minimized average structure' 
# 
_pdbx_nmr_sample_details.solution_id      1 
_pdbx_nmr_sample_details.contents         '5 mM concentration of each strand to form the duplex' 
_pdbx_nmr_sample_details.solvent_system   '0.05 M deuterated sodium acetate buffer and 0.1 M NaCl pH 5.5 and 6.8' 
# 
loop_
_pdbx_nmr_exptl_sample_conditions.conditions_id 
_pdbx_nmr_exptl_sample_conditions.temperature 
_pdbx_nmr_exptl_sample_conditions.pressure 
_pdbx_nmr_exptl_sample_conditions.pH 
_pdbx_nmr_exptl_sample_conditions.ionic_strength 
_pdbx_nmr_exptl_sample_conditions.pressure_units 
_pdbx_nmr_exptl_sample_conditions.temperature_units 
1 298 1 6.8 '0.1 M NaCl, 100% D2O'         atm K 
2 278 1 5.5 '0.1 M NaCl, 10% D2O, 90% H2O' atm K 
# 
loop_
_pdbx_nmr_exptl.experiment_id 
_pdbx_nmr_exptl.solution_id 
_pdbx_nmr_exptl.conditions_id 
_pdbx_nmr_exptl.type 
1 1 1 '2D NOESY'          
2 2 1 '2D TOCSY'          
3 3 2 'jump return NOESY' 
4 4 1 E-COSY              
# 
_pdbx_nmr_details.entry_id   1R2L 
_pdbx_nmr_details.text       'This structure was determined using 2D homonuclear techniques' 
# 
_pdbx_nmr_refine.entry_id           1R2L 
_pdbx_nmr_refine.method             'From the structure 1JUU, the required T base was replaced by G using insightII.' 
_pdbx_nmr_refine.details            'THE RESULTING STRUCTURE WAS ENERGY MINIMIZED USING THE NMR CONSTRAINTS' 
_pdbx_nmr_refine.software_ordinal   1 
# 
loop_
_pdbx_nmr_software.name 
_pdbx_nmr_software.version 
_pdbx_nmr_software.classification 
_pdbx_nmr_software.authors 
_pdbx_nmr_software.ordinal 
Discover 3.1 refinement           MSI 1 
Insight  II  'structure solution' ?   2 
# 
loop_
_chem_comp_atom.comp_id 
_chem_comp_atom.atom_id 
_chem_comp_atom.type_symbol 
_chem_comp_atom.pdbx_aromatic_flag 
_chem_comp_atom.pdbx_stereo_config 
_chem_comp_atom.pdbx_ordinal 
DA  OP3    O N N 1   
DA  P      P N N 2   
DA  OP1    O N N 3   
DA  OP2    O N N 4   
DA  "O5'"  O N N 5   
DA  "C5'"  C N N 6   
DA  "C4'"  C N R 7   
DA  "O4'"  O N N 8   
DA  "C3'"  C N S 9   
DA  "O3'"  O N N 10  
DA  "C2'"  C N N 11  
DA  "C1'"  C N R 12  
DA  N9     N Y N 13  
DA  C8     C Y N 14  
DA  N7     N Y N 15  
DA  C5     C Y N 16  
DA  C6     C Y N 17  
DA  N6     N N N 18  
DA  N1     N Y N 19  
DA  C2     C Y N 20  
DA  N3     N Y N 21  
DA  C4     C Y N 22  
DA  HOP3   H N N 23  
DA  HOP2   H N N 24  
DA  "H5'"  H N N 25  
DA  "H5''" H N N 26  
DA  "H4'"  H N N 27  
DA  "H3'"  H N N 28  
DA  "HO3'" H N N 29  
DA  "H2'"  H N N 30  
DA  "H2''" H N N 31  
DA  "H1'"  H N N 32  
DA  H8     H N N 33  
DA  H61    H N N 34  
DA  H62    H N N 35  
DA  H2     H N N 36  
DC  OP3    O N N 37  
DC  P      P N N 38  
DC  OP1    O N N 39  
DC  OP2    O N N 40  
DC  "O5'"  O N N 41  
DC  "C5'"  C N N 42  
DC  "C4'"  C N R 43  
DC  "O4'"  O N N 44  
DC  "C3'"  C N S 45  
DC  "O3'"  O N N 46  
DC  "C2'"  C N N 47  
DC  "C1'"  C N R 48  
DC  N1     N N N 49  
DC  C2     C N N 50  
DC  O2     O N N 51  
DC  N3     N N N 52  
DC  C4     C N N 53  
DC  N4     N N N 54  
DC  C5     C N N 55  
DC  C6     C N N 56  
DC  HOP3   H N N 57  
DC  HOP2   H N N 58  
DC  "H5'"  H N N 59  
DC  "H5''" H N N 60  
DC  "H4'"  H N N 61  
DC  "H3'"  H N N 62  
DC  "HO3'" H N N 63  
DC  "H2'"  H N N 64  
DC  "H2''" H N N 65  
DC  "H1'"  H N N 66  
DC  H41    H N N 67  
DC  H42    H N N 68  
DC  H5     H N N 69  
DC  H6     H N N 70  
DG  OP3    O N N 71  
DG  P      P N N 72  
DG  OP1    O N N 73  
DG  OP2    O N N 74  
DG  "O5'"  O N N 75  
DG  "C5'"  C N N 76  
DG  "C4'"  C N R 77  
DG  "O4'"  O N N 78  
DG  "C3'"  C N S 79  
DG  "O3'"  O N N 80  
DG  "C2'"  C N N 81  
DG  "C1'"  C N R 82  
DG  N9     N Y N 83  
DG  C8     C Y N 84  
DG  N7     N Y N 85  
DG  C5     C Y N 86  
DG  C6     C N N 87  
DG  O6     O N N 88  
DG  N1     N N N 89  
DG  C2     C N N 90  
DG  N2     N N N 91  
DG  N3     N N N 92  
DG  C4     C Y N 93  
DG  HOP3   H N N 94  
DG  HOP2   H N N 95  
DG  "H5'"  H N N 96  
DG  "H5''" H N N 97  
DG  "H4'"  H N N 98  
DG  "H3'"  H N N 99  
DG  "HO3'" H N N 100 
DG  "H2'"  H N N 101 
DG  "H2''" H N N 102 
DG  "H1'"  H N N 103 
DG  H8     H N N 104 
DG  H1     H N N 105 
DG  H21    H N N 106 
DG  H22    H N N 107 
DNR P      P N N 108 
DNR OP1    O N N 109 
DNR OP2    O N N 110 
DNR "O5'"  O N N 111 
DNR "C5'"  C N N 112 
DNR "C4'"  C N R 113 
DNR "O4'"  O N N 114 
DNR "C1'"  C N R 115 
DNR N1     N N N 116 
DNR C6     C N N 117 
DNR C2     C N N 118 
DNR O2     O N N 119 
DNR N3     N N N 120 
DNR C4     C N N 121 
DNR N4     N N N 122 
DNR C5     C N N 123 
DNR "C2'"  C N N 124 
DNR "C3'"  C N S 125 
DNR "O3'"  O N N 126 
DNR OP3    O N N 127 
DNR HOP2   H N N 128 
DNR "H5'"  H N N 129 
DNR "H5''" H N N 130 
DNR "H4'"  H N N 131 
DNR "H1'"  H N N 132 
DNR H6     H N N 133 
DNR HN3    H N N 134 
DNR H41    H N N 135 
DNR H42    H N N 136 
DNR H5     H N N 137 
DNR "H2'"  H N N 138 
DNR "H2''" H N N 139 
DNR "H3'"  H N N 140 
DNR "HO3'" H N N 141 
DNR HOP3   H N N 142 
DT  OP3    O N N 143 
DT  P      P N N 144 
DT  OP1    O N N 145 
DT  OP2    O N N 146 
DT  "O5'"  O N N 147 
DT  "C5'"  C N N 148 
DT  "C4'"  C N R 149 
DT  "O4'"  O N N 150 
DT  "C3'"  C N S 151 
DT  "O3'"  O N N 152 
DT  "C2'"  C N N 153 
DT  "C1'"  C N R 154 
DT  N1     N N N 155 
DT  C2     C N N 156 
DT  O2     O N N 157 
DT  N3     N N N 158 
DT  C4     C N N 159 
DT  O4     O N N 160 
DT  C5     C N N 161 
DT  C7     C N N 162 
DT  C6     C N N 163 
DT  HOP3   H N N 164 
DT  HOP2   H N N 165 
DT  "H5'"  H N N 166 
DT  "H5''" H N N 167 
DT  "H4'"  H N N 168 
DT  "H3'"  H N N 169 
DT  "HO3'" H N N 170 
DT  "H2'"  H N N 171 
DT  "H2''" H N N 172 
DT  "H1'"  H N N 173 
DT  H3     H N N 174 
DT  H71    H N N 175 
DT  H72    H N N 176 
DT  H73    H N N 177 
DT  H6     H N N 178 
# 
loop_
_chem_comp_bond.comp_id 
_chem_comp_bond.atom_id_1 
_chem_comp_bond.atom_id_2 
_chem_comp_bond.value_order 
_chem_comp_bond.pdbx_aromatic_flag 
_chem_comp_bond.pdbx_stereo_config 
_chem_comp_bond.pdbx_ordinal 
DA  OP3   P      sing N N 1   
DA  OP3   HOP3   sing N N 2   
DA  P     OP1    doub N N 3   
DA  P     OP2    sing N N 4   
DA  P     "O5'"  sing N N 5   
DA  OP2   HOP2   sing N N 6   
DA  "O5'" "C5'"  sing N N 7   
DA  "C5'" "C4'"  sing N N 8   
DA  "C5'" "H5'"  sing N N 9   
DA  "C5'" "H5''" sing N N 10  
DA  "C4'" "O4'"  sing N N 11  
DA  "C4'" "C3'"  sing N N 12  
DA  "C4'" "H4'"  sing N N 13  
DA  "O4'" "C1'"  sing N N 14  
DA  "C3'" "O3'"  sing N N 15  
DA  "C3'" "C2'"  sing N N 16  
DA  "C3'" "H3'"  sing N N 17  
DA  "O3'" "HO3'" sing N N 18  
DA  "C2'" "C1'"  sing N N 19  
DA  "C2'" "H2'"  sing N N 20  
DA  "C2'" "H2''" sing N N 21  
DA  "C1'" N9     sing N N 22  
DA  "C1'" "H1'"  sing N N 23  
DA  N9    C8     sing Y N 24  
DA  N9    C4     sing Y N 25  
DA  C8    N7     doub Y N 26  
DA  C8    H8     sing N N 27  
DA  N7    C5     sing Y N 28  
DA  C5    C6     sing Y N 29  
DA  C5    C4     doub Y N 30  
DA  C6    N6     sing N N 31  
DA  C6    N1     doub Y N 32  
DA  N6    H61    sing N N 33  
DA  N6    H62    sing N N 34  
DA  N1    C2     sing Y N 35  
DA  C2    N3     doub Y N 36  
DA  C2    H2     sing N N 37  
DA  N3    C4     sing Y N 38  
DC  OP3   P      sing N N 39  
DC  OP3   HOP3   sing N N 40  
DC  P     OP1    doub N N 41  
DC  P     OP2    sing N N 42  
DC  P     "O5'"  sing N N 43  
DC  OP2   HOP2   sing N N 44  
DC  "O5'" "C5'"  sing N N 45  
DC  "C5'" "C4'"  sing N N 46  
DC  "C5'" "H5'"  sing N N 47  
DC  "C5'" "H5''" sing N N 48  
DC  "C4'" "O4'"  sing N N 49  
DC  "C4'" "C3'"  sing N N 50  
DC  "C4'" "H4'"  sing N N 51  
DC  "O4'" "C1'"  sing N N 52  
DC  "C3'" "O3'"  sing N N 53  
DC  "C3'" "C2'"  sing N N 54  
DC  "C3'" "H3'"  sing N N 55  
DC  "O3'" "HO3'" sing N N 56  
DC  "C2'" "C1'"  sing N N 57  
DC  "C2'" "H2'"  sing N N 58  
DC  "C2'" "H2''" sing N N 59  
DC  "C1'" N1     sing N N 60  
DC  "C1'" "H1'"  sing N N 61  
DC  N1    C2     sing N N 62  
DC  N1    C6     sing N N 63  
DC  C2    O2     doub N N 64  
DC  C2    N3     sing N N 65  
DC  N3    C4     doub N N 66  
DC  C4    N4     sing N N 67  
DC  C4    C5     sing N N 68  
DC  N4    H41    sing N N 69  
DC  N4    H42    sing N N 70  
DC  C5    C6     doub N N 71  
DC  C5    H5     sing N N 72  
DC  C6    H6     sing N N 73  
DG  OP3   P      sing N N 74  
DG  OP3   HOP3   sing N N 75  
DG  P     OP1    doub N N 76  
DG  P     OP2    sing N N 77  
DG  P     "O5'"  sing N N 78  
DG  OP2   HOP2   sing N N 79  
DG  "O5'" "C5'"  sing N N 80  
DG  "C5'" "C4'"  sing N N 81  
DG  "C5'" "H5'"  sing N N 82  
DG  "C5'" "H5''" sing N N 83  
DG  "C4'" "O4'"  sing N N 84  
DG  "C4'" "C3'"  sing N N 85  
DG  "C4'" "H4'"  sing N N 86  
DG  "O4'" "C1'"  sing N N 87  
DG  "C3'" "O3'"  sing N N 88  
DG  "C3'" "C2'"  sing N N 89  
DG  "C3'" "H3'"  sing N N 90  
DG  "O3'" "HO3'" sing N N 91  
DG  "C2'" "C1'"  sing N N 92  
DG  "C2'" "H2'"  sing N N 93  
DG  "C2'" "H2''" sing N N 94  
DG  "C1'" N9     sing N N 95  
DG  "C1'" "H1'"  sing N N 96  
DG  N9    C8     sing Y N 97  
DG  N9    C4     sing Y N 98  
DG  C8    N7     doub Y N 99  
DG  C8    H8     sing N N 100 
DG  N7    C5     sing Y N 101 
DG  C5    C6     sing N N 102 
DG  C5    C4     doub Y N 103 
DG  C6    O6     doub N N 104 
DG  C6    N1     sing N N 105 
DG  N1    C2     sing N N 106 
DG  N1    H1     sing N N 107 
DG  C2    N2     sing N N 108 
DG  C2    N3     doub N N 109 
DG  N2    H21    sing N N 110 
DG  N2    H22    sing N N 111 
DG  N3    C4     sing N N 112 
DNR P     OP1    doub N N 113 
DNR P     OP2    sing N N 114 
DNR P     "O5'"  sing N N 115 
DNR P     OP3    sing N N 116 
DNR OP2   HOP2   sing N N 117 
DNR "O5'" "C5'"  sing N N 118 
DNR "C5'" "C4'"  sing N N 119 
DNR "C5'" "H5'"  sing N N 120 
DNR "C5'" "H5''" sing N N 121 
DNR "C4'" "O4'"  sing N N 122 
DNR "C4'" "C3'"  sing N N 123 
DNR "C4'" "H4'"  sing N N 124 
DNR "O4'" "C1'"  sing N N 125 
DNR "C1'" N1     sing N N 126 
DNR "C1'" "C2'"  sing N N 127 
DNR "C1'" "H1'"  sing N N 128 
DNR N1    C6     sing N N 129 
DNR N1    C2     sing N N 130 
DNR C6    C5     doub N N 131 
DNR C6    H6     sing N N 132 
DNR C2    O2     doub N N 133 
DNR C2    N3     sing N N 134 
DNR N3    C4     doub N N 135 
DNR N3    HN3    sing N N 136 
DNR C4    N4     sing N N 137 
DNR C4    C5     sing N N 138 
DNR N4    H41    sing N N 139 
DNR N4    H42    sing N N 140 
DNR C5    H5     sing N N 141 
DNR "C2'" "C3'"  sing N N 142 
DNR "C2'" "H2'"  sing N N 143 
DNR "C2'" "H2''" sing N N 144 
DNR "C3'" "O3'"  sing N N 145 
DNR "C3'" "H3'"  sing N N 146 
DNR "O3'" "HO3'" sing N N 147 
DNR OP3   HOP3   sing N N 148 
DT  OP3   P      sing N N 149 
DT  OP3   HOP3   sing N N 150 
DT  P     OP1    doub N N 151 
DT  P     OP2    sing N N 152 
DT  P     "O5'"  sing N N 153 
DT  OP2   HOP2   sing N N 154 
DT  "O5'" "C5'"  sing N N 155 
DT  "C5'" "C4'"  sing N N 156 
DT  "C5'" "H5'"  sing N N 157 
DT  "C5'" "H5''" sing N N 158 
DT  "C4'" "O4'"  sing N N 159 
DT  "C4'" "C3'"  sing N N 160 
DT  "C4'" "H4'"  sing N N 161 
DT  "O4'" "C1'"  sing N N 162 
DT  "C3'" "O3'"  sing N N 163 
DT  "C3'" "C2'"  sing N N 164 
DT  "C3'" "H3'"  sing N N 165 
DT  "O3'" "HO3'" sing N N 166 
DT  "C2'" "C1'"  sing N N 167 
DT  "C2'" "H2'"  sing N N 168 
DT  "C2'" "H2''" sing N N 169 
DT  "C1'" N1     sing N N 170 
DT  "C1'" "H1'"  sing N N 171 
DT  N1    C2     sing N N 172 
DT  N1    C6     sing N N 173 
DT  C2    O2     doub N N 174 
DT  C2    N3     sing N N 175 
DT  N3    C4     sing N N 176 
DT  N3    H3     sing N N 177 
DT  C4    O4     doub N N 178 
DT  C4    C5     sing N N 179 
DT  C5    C7     sing N N 180 
DT  C5    C6     doub N N 181 
DT  C7    H71    sing N N 182 
DT  C7    H72    sing N N 183 
DT  C7    H73    sing N N 184 
DT  C6    H6     sing N N 185 
# 
loop_
_ndb_struct_conf_na.entry_id 
_ndb_struct_conf_na.feature 
1R2L 'double helix'         
1R2L 'parallel strands'     
1R2L 'mismatched base pair' 
# 
loop_
_ndb_struct_na_base_pair.model_number 
_ndb_struct_na_base_pair.i_label_asym_id 
_ndb_struct_na_base_pair.i_label_comp_id 
_ndb_struct_na_base_pair.i_label_seq_id 
_ndb_struct_na_base_pair.i_symmetry 
_ndb_struct_na_base_pair.j_label_asym_id 
_ndb_struct_na_base_pair.j_label_comp_id 
_ndb_struct_na_base_pair.j_label_seq_id 
_ndb_struct_na_base_pair.j_symmetry 
_ndb_struct_na_base_pair.shear 
_ndb_struct_na_base_pair.stretch 
_ndb_struct_na_base_pair.stagger 
_ndb_struct_na_base_pair.buckle 
_ndb_struct_na_base_pair.propeller 
_ndb_struct_na_base_pair.opening 
_ndb_struct_na_base_pair.pair_number 
_ndb_struct_na_base_pair.pair_name 
_ndb_struct_na_base_pair.i_auth_asym_id 
_ndb_struct_na_base_pair.i_auth_seq_id 
_ndb_struct_na_base_pair.i_PDB_ins_code 
_ndb_struct_na_base_pair.j_auth_asym_id 
_ndb_struct_na_base_pair.j_auth_seq_id 
_ndb_struct_na_base_pair.j_PDB_ins_code 
_ndb_struct_na_base_pair.hbond_type_28 
_ndb_struct_na_base_pair.hbond_type_12 
1 A DNR 1  1_555 B DC 1  1_555 1.809  2.030  -0.076 13.457  -42.281 177.676  1  A_DNR1:DC1_B   A 1  ? B 1  ? 15 2 
1 A DNR 2  1_555 B DC 2  1_555 1.731  1.816  0.332  -0.523  -39.644 178.426  2  A_DNR2:DC2_B   A 2  ? B 2  ? 15 2 
1 A DA  3  1_555 B DT 3  1_555 0.359  0.237  -0.881 24.758  -3.023  174.113  3  A_DA3:DT3_B    A 3  ? B 3  ? 21 2 
1 A DT  4  1_555 B DA 4  1_555 0.167  0.137  0.886  30.674  -9.308  177.249  4  A_DT4:DA4_B    A 4  ? B 4  ? 21 2 
1 A DA  5  1_555 B DT 5  1_555 -0.020 0.331  -0.515 28.838  0.445   172.777  5  A_DA5:DT5_B    A 5  ? B 5  ? 21 2 
1 A DA  6  1_555 B DG 6  1_555 -1.550 0.145  -0.354 10.952  2.208   175.503  6  A_DA6:DG6_B    A 6  ? B 6  ? ?  ? 
1 A DT  7  1_555 B DA 7  1_555 0.213  -0.647 -0.013 -16.337 -5.909  -170.810 7  A_DT7:DA7_B    A 7  ? B 7  ? 21 2 
1 A DT  8  1_555 B DA 8  1_555 0.154  -0.764 0.248  -19.264 -17.686 -169.018 8  A_DT8:DA8_B    A 8  ? B 8  ? 21 2 
1 A DT  9  1_555 B DA 9  1_555 0.288  -1.083 -0.703 -3.042  -32.359 -160.383 9  A_DT9:DA9_B    A 9  ? B 9  ? 21 2 
1 A DA  10 1_555 B DT 10 1_555 0.017  1.462  -0.177 13.941  53.735  176.842  10 A_DA10:DT10_B  A 10 ? B 10 ? 21 2 
1 A DNR 12 1_555 B DC 12 1_555 2.484  1.974  -1.321 -30.168 -20.256 161.553  11 A_DNR12:DC12_B A 12 ? B 12 ? 15 2 
# 
loop_
_ndb_struct_na_base_pair_step.model_number 
_ndb_struct_na_base_pair_step.i_label_asym_id_1 
_ndb_struct_na_base_pair_step.i_label_comp_id_1 
_ndb_struct_na_base_pair_step.i_label_seq_id_1 
_ndb_struct_na_base_pair_step.i_symmetry_1 
_ndb_struct_na_base_pair_step.j_label_asym_id_1 
_ndb_struct_na_base_pair_step.j_label_comp_id_1 
_ndb_struct_na_base_pair_step.j_label_seq_id_1 
_ndb_struct_na_base_pair_step.j_symmetry_1 
_ndb_struct_na_base_pair_step.i_label_asym_id_2 
_ndb_struct_na_base_pair_step.i_label_comp_id_2 
_ndb_struct_na_base_pair_step.i_label_seq_id_2 
_ndb_struct_na_base_pair_step.i_symmetry_2 
_ndb_struct_na_base_pair_step.j_label_asym_id_2 
_ndb_struct_na_base_pair_step.j_label_comp_id_2 
_ndb_struct_na_base_pair_step.j_label_seq_id_2 
_ndb_struct_na_base_pair_step.j_symmetry_2 
_ndb_struct_na_base_pair_step.shift 
_ndb_struct_na_base_pair_step.slide 
_ndb_struct_na_base_pair_step.rise 
_ndb_struct_na_base_pair_step.tilt 
_ndb_struct_na_base_pair_step.roll 
_ndb_struct_na_base_pair_step.twist 
_ndb_struct_na_base_pair_step.x_displacement 
_ndb_struct_na_base_pair_step.y_displacement 
_ndb_struct_na_base_pair_step.helical_rise 
_ndb_struct_na_base_pair_step.inclination 
_ndb_struct_na_base_pair_step.tip 
_ndb_struct_na_base_pair_step.helical_twist 
_ndb_struct_na_base_pair_step.step_number 
_ndb_struct_na_base_pair_step.step_name 
_ndb_struct_na_base_pair_step.i_auth_asym_id_1 
_ndb_struct_na_base_pair_step.i_auth_seq_id_1 
_ndb_struct_na_base_pair_step.i_PDB_ins_code_1 
_ndb_struct_na_base_pair_step.j_auth_asym_id_1 
_ndb_struct_na_base_pair_step.j_auth_seq_id_1 
_ndb_struct_na_base_pair_step.j_PDB_ins_code_1 
_ndb_struct_na_base_pair_step.i_auth_asym_id_2 
_ndb_struct_na_base_pair_step.i_auth_seq_id_2 
_ndb_struct_na_base_pair_step.i_PDB_ins_code_2 
_ndb_struct_na_base_pair_step.j_auth_asym_id_2 
_ndb_struct_na_base_pair_step.j_auth_seq_id_2 
_ndb_struct_na_base_pair_step.j_PDB_ins_code_2 
1 A DNR 1 1_555 B DC 1 1_555 A DNR 2  1_555 B DC 2  1_555 -0.030 -0.156 3.128 5.021  -3.472  49.181   0.059  0.391  3.115 -4.153  
-6.006  49.535   1 AA_DNR1DNR2:DC2DC1_BB A 1 ? B 1 ? A 2  ? B 2  ? 
1 A DNR 2 1_555 B DC 2 1_555 A DA  3  1_555 B DT 3  1_555 -0.108 -0.346 2.642 -1.945 9.204   43.926   -1.120 0.000  2.525 12.139  
2.565   44.874   2 AA_DNR2DA3:DT3DC2_BB  A 2 ? B 2 ? A 3  ? B 3  ? 
1 A DA  3 1_555 B DT 3 1_555 A DT  4  1_555 B DA 4  1_555 -0.506 0.396  3.155 8.062  -13.763 37.743   1.980  1.553  2.699 -20.208 
-11.838 40.861   3 AA_DA3DT4:DA4DT3_BB   A 3 ? B 3 ? A 4  ? B 4  ? 
1 A DT  4 1_555 B DA 4 1_555 A DA  5  1_555 B DT 5  1_555 -0.056 -1.067 2.828 -2.064 12.686  31.474   -3.468 -0.172 2.243 22.259  
3.622   33.936   4 AA_DT4DA5:DT5DA4_BB   A 4 ? B 4 ? A 5  ? B 5  ? 
1 A DA  5 1_555 B DT 5 1_555 A DA  6  1_555 B DG 6  1_555 -0.906 -0.423 3.119 1.718  -4.611  37.840   -0.090 1.594  3.104 -7.074  
-2.635  38.147   5 AA_DA5DA6:DG6DT5_BB   A 5 ? B 5 ? A 6  ? B 6  ? 
1 A DA  6 1_555 B DG 6 1_555 A DT  7  1_555 B DA 7  1_555 -0.668 -0.067 3.128 1.265  4.425   -146.014 0.016  -0.343 3.131 -2.313  
0.661   -146.042 6 AA_DA6DT7:DA7DG6_BB   A 6 ? B 6 ? A 7  ? B 7  ? 
1 A DT  7 1_555 B DA 7 1_555 A DT  8  1_555 B DA 8  1_555 -0.174 -0.920 2.900 5.107  3.750   34.461   -2.019 0.956  2.735 6.264   
-8.530  35.021   7 AA_DT7DT8:DA8DA7_BB   A 7 ? B 7 ? A 8  ? B 8  ? 
1 A DT  8 1_555 B DA 8 1_555 A DT  9  1_555 B DA 9  1_555 0.037  -0.388 2.692 1.581  -8.539  38.418   0.271  0.102  2.713 -12.778 
-2.365  39.351   8 AA_DT8DT9:DA9DA8_BB   A 8 ? B 8 ? A 9  ? B 9  ? 
1 A DT  9 1_555 B DA 9 1_555 A DA  10 1_555 B DT 10 1_555 -1.144 1.246  2.871 4.401  0.102   -148.240 -0.648 -0.578 2.883 -0.053  
2.288   -148.264 9 AA_DT9DA10:DT10DA9_BB A 9 ? B 9 ? A 10 ? B 10 ? 
# 
loop_
_pdbx_nmr_spectrometer.spectrometer_id 
_pdbx_nmr_spectrometer.type 
_pdbx_nmr_spectrometer.manufacturer 
_pdbx_nmr_spectrometer.model 
_pdbx_nmr_spectrometer.field_strength 
1 ? Varian INOVA 600 
2 ? Bruker AMX   500 
# 
_atom_sites.entry_id                    1R2L 
_atom_sites.fract_transf_matrix[1][1]   1.000000 
_atom_sites.fract_transf_matrix[1][2]   0.000000 
_atom_sites.fract_transf_matrix[1][3]   0.000000 
_atom_sites.fract_transf_matrix[2][1]   0.000000 
_atom_sites.fract_transf_matrix[2][2]   1.000000 
_atom_sites.fract_transf_matrix[2][3]   0.000000 
_atom_sites.fract_transf_matrix[3][1]   0.000000 
_atom_sites.fract_transf_matrix[3][2]   0.000000 
_atom_sites.fract_transf_matrix[3][3]   1.000000 
_atom_sites.fract_transf_vector[1]      0.00000 
_atom_sites.fract_transf_vector[2]      0.00000 
_atom_sites.fract_transf_vector[3]      0.00000 
# 
loop_
_atom_type.symbol 
C 
H 
N 
O 
P 
# 
loop_
_atom_site.group_PDB 
_atom_site.id 
_atom_site.type_symbol 
_atom_site.label_atom_id 
_atom_site.label_alt_id 
_atom_site.label_comp_id 
_atom_site.label_asym_id 
_atom_site.label_entity_id 
_atom_site.label_seq_id 
_atom_site.pdbx_PDB_ins_code 
_atom_site.Cartn_x 
_atom_site.Cartn_y 
_atom_site.Cartn_z 
_atom_site.occupancy 
_atom_site.B_iso_or_equiv 
_atom_site.pdbx_formal_charge 
_atom_site.auth_seq_id 
_atom_site.auth_comp_id 
_atom_site.auth_asym_id 
_atom_site.auth_atom_id 
_atom_site.pdbx_PDB_model_num 
HETATM 1   P P      . DNR A 1 1  ? -2.846  5.419   -22.311 1.00 0.00 ? 1  DNR A P      1 
HETATM 2   O OP1    . DNR A 1 1  ? -3.643  4.651   -23.299 1.00 0.00 ? 1  DNR A OP1    1 
HETATM 3   O OP2    . DNR A 1 1  ? -2.023  6.536   -22.832 1.00 0.00 ? 1  DNR A OP2    1 
HETATM 4   O "O5'"  . DNR A 1 1  ? -1.854  4.381   -21.574 1.00 0.00 ? 1  DNR A "O5'"  1 
HETATM 5   C "C5'"  . DNR A 1 1  ? -0.851  3.699   -22.309 1.00 0.00 ? 1  DNR A "C5'"  1 
HETATM 6   C "C4'"  . DNR A 1 1  ? 0.069   2.774   -21.475 1.00 0.00 ? 1  DNR A "C4'"  1 
HETATM 7   O "O4'"  . DNR A 1 1  ? 0.920   3.520   -20.591 1.00 0.00 ? 1  DNR A "O4'"  1 
HETATM 8   C "C1'"  . DNR A 1 1  ? 0.993   2.865   -19.327 1.00 0.00 ? 1  DNR A "C1'"  1 
HETATM 9   N N1     . DNR A 1 1  ? 1.183   3.830   -18.252 1.00 0.00 ? 1  DNR A N1     1 
HETATM 10  C C6     . DNR A 1 1  ? 0.354   5.051   -18.250 1.00 0.00 ? 1  DNR A C6     1 
HETATM 11  C C2     . DNR A 1 1  ? 2.139   3.714   -17.306 1.00 0.00 ? 1  DNR A C2     1 
HETATM 12  O O2     . DNR A 1 1  ? 2.855   2.719   -17.246 1.00 0.00 ? 1  DNR A O2     1 
HETATM 13  N N3     . DNR A 1 1  ? 2.380   4.716   -16.450 1.00 0.00 ? 1  DNR A N3     1 
HETATM 14  C C4     . DNR A 1 1  ? 1.660   5.881   -16.490 1.00 0.00 ? 1  DNR A C4     1 
HETATM 15  N N4     . DNR A 1 1  ? 2.011   6.910   -15.565 1.00 0.00 ? 1  DNR A N4     1 
HETATM 16  C C5     . DNR A 1 1  ? 0.640   6.047   -17.370 1.00 0.00 ? 1  DNR A C5     1 
HETATM 17  C "C2'"  . DNR A 1 1  ? -0.304  2.087   -19.209 1.00 0.00 ? 1  DNR A "C2'"  1 
HETATM 18  C "C3'"  . DNR A 1 1  ? -0.564  1.632   -20.648 1.00 0.00 ? 1  DNR A "C3'"  1 
HETATM 19  O "O3'"  . DNR A 1 1  ? 0.144   0.426   -21.004 1.00 0.00 ? 1  DNR A "O3'"  1 
HETATM 20  H "H5'"  . DNR A 1 1  ? -0.207  4.435   -22.792 1.00 0.00 ? 1  DNR A "H5'"  1 
HETATM 21  H "H5''" . DNR A 1 1  ? -1.329  3.085   -23.073 1.00 0.00 ? 1  DNR A "H5''" 1 
HETATM 22  H "H4'"  . DNR A 1 1  ? 0.749   2.298   -22.192 1.00 0.00 ? 1  DNR A "H4'"  1 
HETATM 23  H "H1'"  . DNR A 1 1  ? 1.822   2.139   -19.372 1.00 0.00 ? 1  DNR A "H1'"  1 
HETATM 24  H H6     . DNR A 1 1  ? -0.465  5.155   -18.951 1.00 0.00 ? 1  DNR A H6     1 
HETATM 25  H HN3    . DNR A 1 1  ? 3.140   4.622   -15.788 1.00 0.00 ? 1  DNR A HN3    1 
HETATM 26  H H41    . DNR A 1 1  ? 1.397   6.946   -14.764 1.00 0.00 ? 1  DNR A H41    1 
HETATM 27  H H42    . DNR A 1 1  ? 3.015   6.924   -15.354 1.00 0.00 ? 1  DNR A H42    1 
HETATM 28  H H5     . DNR A 1 1  ? 0.062   6.960   -17.375 1.00 0.00 ? 1  DNR A H5     1 
HETATM 29  H "H2'"  . DNR A 1 1  ? -1.115  2.754   -18.887 1.00 0.00 ? 1  DNR A "H2'"  1 
HETATM 30  H "H2''" . DNR A 1 1  ? -0.219  1.242   -18.517 1.00 0.00 ? 1  DNR A "H2''" 1 
HETATM 31  H "H3'"  . DNR A 1 1  ? -1.646  1.551   -20.851 1.00 0.00 ? 1  DNR A "H3'"  1 
HETATM 32  P P      . DNR A 1 2  ? -0.417  -0.934  -20.327 1.00 0.00 ? 2  DNR A P      1 
HETATM 33  O OP1    . DNR A 1 2  ? -0.104  -2.019  -21.288 1.00 0.00 ? 2  DNR A OP1    1 
HETATM 34  O OP2    . DNR A 1 2  ? -1.814  -0.724  -19.905 1.00 0.00 ? 2  DNR A OP2    1 
HETATM 35  O "O5'"  . DNR A 1 2  ? 0.537   -1.146  -19.042 1.00 0.00 ? 2  DNR A "O5'"  1 
HETATM 36  C "C5'"  . DNR A 1 2  ? 1.908   -1.468  -19.235 1.00 0.00 ? 2  DNR A "C5'"  1 
HETATM 37  C "C4'"  . DNR A 1 2  ? 2.770   -1.564  -17.954 1.00 0.00 ? 2  DNR A "C4'"  1 
HETATM 38  O "O4'"  . DNR A 1 2  ? 2.799   -0.329  -17.242 1.00 0.00 ? 2  DNR A "O4'"  1 
HETATM 39  C "C1'"  . DNR A 1 2  ? 2.702   -0.542  -15.836 1.00 0.00 ? 2  DNR A "C1'"  1 
HETATM 40  N N1     . DNR A 1 2  ? 1.888   0.509   -15.240 1.00 0.00 ? 2  DNR A N1     1 
HETATM 41  C C6     . DNR A 1 2  ? 0.590   0.827   -15.864 1.00 0.00 ? 2  DNR A C6     1 
HETATM 42  C C2     . DNR A 1 2  ? 2.280   1.257   -14.186 1.00 0.00 ? 2  DNR A C2     1 
HETATM 43  O O2     . DNR A 1 2  ? 3.320   1.007   -13.582 1.00 0.00 ? 2  DNR A O2     1 
HETATM 44  N N3     . DNR A 1 2  ? 1.549   2.303   -13.778 1.00 0.00 ? 2  DNR A N3     1 
HETATM 45  C C4     . DNR A 1 2  ? 0.354   2.616   -14.375 1.00 0.00 ? 2  DNR A C4     1 
HETATM 46  N N4     . DNR A 1 2  ? -0.374  3.724   -13.855 1.00 0.00 ? 2  DNR A N4     1 
HETATM 47  C C5     . DNR A 1 2  ? -0.131  1.882   -15.407 1.00 0.00 ? 2  DNR A C5     1 
HETATM 48  C "C2'"  . DNR A 1 2  ? 2.115   -1.936  -15.653 1.00 0.00 ? 2  DNR A "C2'"  1 
HETATM 49  C "C3'"  . DNR A 1 2  ? 2.492   -2.692  -16.937 1.00 0.00 ? 2  DNR A "C3'"  1 
HETATM 50  O "O3'"  . DNR A 1 2  ? 3.716   -3.445  -16.834 1.00 0.00 ? 2  DNR A "O3'"  1 
HETATM 51  H "H5'"  . DNR A 1 2  ? 2.367   -0.693  -19.852 1.00 0.00 ? 2  DNR A "H5'"  1 
HETATM 52  H "H5''" . DNR A 1 2  ? 1.991   -2.423  -19.756 1.00 0.00 ? 2  DNR A "H5''" 1 
HETATM 53  H "H4'"  . DNR A 1 2  ? 3.802   -1.696  -18.307 1.00 0.00 ? 2  DNR A "H4'"  1 
HETATM 54  H "H1'"  . DNR A 1 2  ? 3.728   -0.544  -15.429 1.00 0.00 ? 2  DNR A "H1'"  1 
HETATM 55  H H6     . DNR A 1 2  ? 0.214   0.227   -16.684 1.00 0.00 ? 2  DNR A H6     1 
HETATM 56  H HN3    . DNR A 1 2  ? 1.892   2.872   -13.015 1.00 0.00 ? 2  DNR A HN3    1 
HETATM 57  H H41    . DNR A 1 2  ? -0.996  3.455   -13.092 1.00 0.00 ? 2  DNR A H41    1 
HETATM 58  H H42    . DNR A 1 2  ? 0.252   4.476   -13.586 1.00 0.00 ? 2  DNR A H42    1 
HETATM 59  H H5     . DNR A 1 2  ? -1.080  2.133   -15.863 1.00 0.00 ? 2  DNR A H5     1 
HETATM 60  H "H2'"  . DNR A 1 2  ? 1.020   -1.883  -15.580 1.00 0.00 ? 2  DNR A "H2'"  1 
HETATM 61  H "H2''" . DNR A 1 2  ? 2.502   -2.416  -14.742 1.00 0.00 ? 2  DNR A "H2''" 1 
HETATM 62  H "H3'"  . DNR A 1 2  ? 1.653   -3.318  -17.281 1.00 0.00 ? 2  DNR A "H3'"  1 
ATOM   63  P P      . DA  A 1 3  ? 3.660   -4.774  -15.905 1.00 0.00 ? 3  DA  A P      1 
ATOM   64  O OP1    . DA  A 1 3  ? 4.575   -5.755  -16.539 1.00 0.00 ? 3  DA  A OP1    1 
ATOM   65  O OP2    . DA  A 1 3  ? 2.251   -5.157  -15.684 1.00 0.00 ? 3  DA  A OP2    1 
ATOM   66  O "O5'"  . DA  A 1 3  ? 4.335   -4.296  -14.522 1.00 0.00 ? 3  DA  A "O5'"  1 
ATOM   67  C "C5'"  . DA  A 1 3  ? 5.684   -3.837  -14.502 1.00 0.00 ? 3  DA  A "C5'"  1 
ATOM   68  C "C4'"  . DA  A 1 3  ? 6.119   -3.126  -13.205 1.00 0.00 ? 3  DA  A "C4'"  1 
ATOM   69  O "O4'"  . DA  A 1 3  ? 5.115   -2.236  -12.753 1.00 0.00 ? 3  DA  A "O4'"  1 
ATOM   70  C "C3'"  . DA  A 1 3  ? 6.554   -4.021  -12.021 1.00 0.00 ? 3  DA  A "C3'"  1 
ATOM   71  O "O3'"  . DA  A 1 3  ? 7.900   -3.712  -11.713 1.00 0.00 ? 3  DA  A "O3'"  1 
ATOM   72  C "C2'"  . DA  A 1 3  ? 5.583   -3.585  -10.930 1.00 0.00 ? 3  DA  A "C2'"  1 
ATOM   73  C "C1'"  . DA  A 1 3  ? 5.205   -2.166  -11.349 1.00 0.00 ? 3  DA  A "C1'"  1 
ATOM   74  N N9     . DA  A 1 3  ? 3.861   -1.802  -10.887 1.00 0.00 ? 3  DA  A N9     1 
ATOM   75  C C8     . DA  A 1 3  ? 2.691   -2.491  -11.112 1.00 0.00 ? 3  DA  A C8     1 
ATOM   76  N N7     . DA  A 1 3  ? 1.624   -1.744  -11.137 1.00 0.00 ? 3  DA  A N7     1 
ATOM   77  C C5     . DA  A 1 3  ? 2.141   -0.478  -10.832 1.00 0.00 ? 3  DA  A C5     1 
ATOM   78  C C6     . DA  A 1 3  ? 1.629   0.829   -10.799 1.00 0.00 ? 3  DA  A C6     1 
ATOM   79  N N6     . DA  A 1 3  ? 0.433   1.159   -11.223 1.00 0.00 ? 3  DA  A N6     1 
ATOM   80  N N1     . DA  A 1 3  ? 2.368   1.874   -10.453 1.00 0.00 ? 3  DA  A N1     1 
ATOM   81  C C2     . DA  A 1 3  ? 3.631   1.650   -10.125 1.00 0.00 ? 3  DA  A C2     1 
ATOM   82  N N3     . DA  A 1 3  ? 4.292   0.507   -10.231 1.00 0.00 ? 3  DA  A N3     1 
ATOM   83  C C4     . DA  A 1 3  ? 3.481   -0.525  -10.589 1.00 0.00 ? 3  DA  A C4     1 
ATOM   84  H "H5'"  . DA  A 1 3  ? 5.808   -3.095  -15.295 1.00 0.00 ? 3  DA  A "H5'"  1 
ATOM   85  H "H5''" . DA  A 1 3  ? 6.367   -4.665  -14.700 1.00 0.00 ? 3  DA  A "H5''" 1 
ATOM   86  H "H4'"  . DA  A 1 3  ? 6.971   -2.496  -13.472 1.00 0.00 ? 3  DA  A "H4'"  1 
ATOM   87  H "H3'"  . DA  A 1 3  ? 6.437   -5.083  -12.248 1.00 0.00 ? 3  DA  A "H3'"  1 
ATOM   88  H "H2'"  . DA  A 1 3  ? 4.726   -4.255  -10.978 1.00 0.00 ? 3  DA  A "H2'"  1 
ATOM   89  H "H2''" . DA  A 1 3  ? 5.984   -3.623  -9.924  1.00 0.00 ? 3  DA  A "H2''" 1 
ATOM   90  H "H1'"  . DA  A 1 3  ? 5.983   -1.426  -11.119 1.00 0.00 ? 3  DA  A "H1'"  1 
ATOM   91  H H8     . DA  A 1 3  ? 2.637   -3.544  -11.350 1.00 0.00 ? 3  DA  A H8     1 
ATOM   92  H H61    . DA  A 1 3  ? 0.182   2.128   -11.228 1.00 0.00 ? 3  DA  A H61    1 
ATOM   93  H H62    . DA  A 1 3  ? -0.201  0.416   -11.459 1.00 0.00 ? 3  DA  A H62    1 
ATOM   94  H H2     . DA  A 1 3  ? 4.214   2.509   -9.827  1.00 0.00 ? 3  DA  A H2     1 
ATOM   95  P P      . DT  A 1 4  ? 8.656   -4.308  -10.437 1.00 0.00 ? 4  DT  A P      1 
ATOM   96  O OP1    . DT  A 1 4  ? 10.105  -4.248  -10.738 1.00 0.00 ? 4  DT  A OP1    1 
ATOM   97  O OP2    . DT  A 1 4  ? 8.041   -5.612  -10.115 1.00 0.00 ? 4  DT  A OP2    1 
ATOM   98  O "O5'"  . DT  A 1 4  ? 8.298   -3.218  -9.297  1.00 0.00 ? 4  DT  A "O5'"  1 
ATOM   99  C "C5'"  . DT  A 1 4  ? 8.724   -1.865  -9.434  1.00 0.00 ? 4  DT  A "C5'"  1 
ATOM   100 C "C4'"  . DT  A 1 4  ? 8.307   -0.889  -8.308  1.00 0.00 ? 4  DT  A "C4'"  1 
ATOM   101 O "O4'"  . DT  A 1 4  ? 6.940   -0.485  -8.317  1.00 0.00 ? 4  DT  A "O4'"  1 
ATOM   102 C "C3'"  . DT  A 1 4  ? 8.645   -1.404  -6.905  1.00 0.00 ? 4  DT  A "C3'"  1 
ATOM   103 O "O3'"  . DT  A 1 4  ? 9.347   -0.373  -6.247  1.00 0.00 ? 4  DT  A "O3'"  1 
ATOM   104 C "C2'"  . DT  A 1 4  ? 7.279   -1.765  -6.339  1.00 0.00 ? 4  DT  A "C2'"  1 
ATOM   105 C "C1'"  . DT  A 1 4  ? 6.334   -0.759  -7.063  1.00 0.00 ? 4  DT  A "C1'"  1 
ATOM   106 N N1     . DT  A 1 4  ? 4.936   -1.095  -7.412  1.00 0.00 ? 4  DT  A N1     1 
ATOM   107 C C2     . DT  A 1 4  ? 3.880   -0.181  -7.205  1.00 0.00 ? 4  DT  A C2     1 
ATOM   108 O O2     . DT  A 1 4  ? 3.949   1.015   -6.961  1.00 0.00 ? 4  DT  A O2     1 
ATOM   109 N N3     . DT  A 1 4  ? 2.619   -0.681  -7.287  1.00 0.00 ? 4  DT  A N3     1 
ATOM   110 C C4     . DT  A 1 4  ? 2.300   -1.993  -7.398  1.00 0.00 ? 4  DT  A C4     1 
ATOM   111 O O4     . DT  A 1 4  ? 1.125   -2.310  -7.340  1.00 0.00 ? 4  DT  A O4     1 
ATOM   112 C C5     . DT  A 1 4  ? 3.439   -2.895  -7.567  1.00 0.00 ? 4  DT  A C5     1 
ATOM   113 C C7     . DT  A 1 4  ? 3.549   -4.140  -6.717  1.00 0.00 ? 4  DT  A C7     1 
ATOM   114 C C6     . DT  A 1 4  ? 4.681   -2.395  -7.712  1.00 0.00 ? 4  DT  A C6     1 
ATOM   115 H "H5'"  . DT  A 1 4  ? 8.365   -1.452  -10.378 1.00 0.00 ? 4  DT  A "H5'"  1 
ATOM   116 H "H5''" . DT  A 1 4  ? 9.817   -1.865  -9.460  1.00 0.00 ? 4  DT  A "H5''" 1 
ATOM   117 H "H4'"  . DT  A 1 4  ? 8.875   0.023   -8.504  1.00 0.00 ? 4  DT  A "H4'"  1 
ATOM   118 H "H3'"  . DT  A 1 4  ? 9.233   -2.301  -6.954  1.00 0.00 ? 4  DT  A "H3'"  1 
ATOM   119 H "H2'"  . DT  A 1 4  ? 7.108   -2.793  -6.628  1.00 0.00 ? 4  DT  A "H2'"  1 
ATOM   120 H "H2''" . DT  A 1 4  ? 7.350   -1.777  -5.243  1.00 0.00 ? 4  DT  A "H2''" 1 
ATOM   121 H "H1'"  . DT  A 1 4  ? 6.228   0.021   -6.355  1.00 0.00 ? 4  DT  A "H1'"  1 
ATOM   122 H H3     . DT  A 1 4  ? 1.826   -0.069  -7.178  1.00 0.00 ? 4  DT  A H3     1 
ATOM   123 H H71    . DT  A 1 4  ? 4.206   -3.745  -5.896  1.00 0.00 ? 4  DT  A H71    1 
ATOM   124 H H72    . DT  A 1 4  ? 2.575   -4.468  -6.346  1.00 0.00 ? 4  DT  A H72    1 
ATOM   125 H H73    . DT  A 1 4  ? 4.023   -4.951  -7.279  1.00 0.00 ? 4  DT  A H73    1 
ATOM   126 H H6     . DT  A 1 4  ? 5.486   -3.114  -7.770  1.00 0.00 ? 4  DT  A H6     1 
ATOM   127 P P      . DA  A 1 5  ? 10.234  -0.598  -4.937  1.00 0.00 ? 5  DA  A P      1 
ATOM   128 O OP1    . DA  A 1 5  ? 11.566  0.011   -5.175  1.00 0.00 ? 5  DA  A OP1    1 
ATOM   129 O OP2    . DA  A 1 5  ? 10.150  -2.010  -4.513  1.00 0.00 ? 5  DA  A OP2    1 
ATOM   130 O "O5'"  . DA  A 1 5  ? 9.415   0.335   -3.928  1.00 0.00 ? 5  DA  A "O5'"  1 
ATOM   131 C "C5'"  . DA  A 1 5  ? 9.282   1.725   -4.199  1.00 0.00 ? 5  DA  A "C5'"  1 
ATOM   132 C "C4'"  . DA  A 1 5  ? 8.049   2.355   -3.530  1.00 0.00 ? 5  DA  A "C4'"  1 
ATOM   133 O "O4'"  . DA  A 1 5  ? 6.837   1.704   -3.917  1.00 0.00 ? 5  DA  A "O4'"  1 
ATOM   134 C "C3'"  . DA  A 1 5  ? 8.124   2.389   -1.990  1.00 0.00 ? 5  DA  A "C3'"  1 
ATOM   135 O "O3'"  . DA  A 1 5  ? 8.176   3.737   -1.546  1.00 0.00 ? 5  DA  A "O3'"  1 
ATOM   136 C "C2'"  . DA  A 1 5  ? 6.802   1.707   -1.640  1.00 0.00 ? 5  DA  A "C2'"  1 
ATOM   137 C "C1'"  . DA  A 1 5  ? 5.905   1.886   -2.873  1.00 0.00 ? 5  DA  A "C1'"  1 
ATOM   138 N N9     . DA  A 1 5  ? 4.817   0.882   -3.014  1.00 0.00 ? 5  DA  A N9     1 
ATOM   139 C C8     . DA  A 1 5  ? 4.910   -0.484  -2.915  1.00 0.00 ? 5  DA  A C8     1 
ATOM   140 N N7     . DA  A 1 5  ? 3.858   -1.140  -3.332  1.00 0.00 ? 5  DA  A N7     1 
ATOM   141 C C5     . DA  A 1 5  ? 2.967   -0.114  -3.694  1.00 0.00 ? 5  DA  A C5     1 
ATOM   142 C C6     . DA  A 1 5  ? 1.640   -0.045  -4.196  1.00 0.00 ? 5  DA  A C6     1 
ATOM   143 N N6     . DA  A 1 5  ? 0.889   -1.067  -4.556  1.00 0.00 ? 5  DA  A N6     1 
ATOM   144 N N1     . DA  A 1 5  ? 1.012   1.111   -4.358  1.00 0.00 ? 5  DA  A N1     1 
ATOM   145 C C2     . DA  A 1 5  ? 1.669   2.213   -4.036  1.00 0.00 ? 5  DA  A C2     1 
ATOM   146 N N3     . DA  A 1 5  ? 2.923   2.322   -3.607  1.00 0.00 ? 5  DA  A N3     1 
ATOM   147 C C4     . DA  A 1 5  ? 3.530   1.115   -3.452  1.00 0.00 ? 5  DA  A C4     1 
ATOM   148 H "H5'"  . DA  A 1 5  ? 9.167   1.913   -5.269  1.00 0.00 ? 5  DA  A "H5'"  1 
ATOM   149 H "H5''" . DA  A 1 5  ? 10.184  2.243   -3.865  1.00 0.00 ? 5  DA  A "H5''" 1 
ATOM   150 H "H4'"  . DA  A 1 5  ? 7.983   3.383   -3.893  1.00 0.00 ? 5  DA  A "H4'"  1 
ATOM   151 H "H3'"  . DA  A 1 5  ? 8.979   1.811   -1.628  1.00 0.00 ? 5  DA  A "H3'"  1 
ATOM   152 H "H2'"  . DA  A 1 5  ? 7.021   0.655   -1.469  1.00 0.00 ? 5  DA  A "H2'"  1 
ATOM   153 H "H2''" . DA  A 1 5  ? 6.378   2.129   -0.742  1.00 0.00 ? 5  DA  A "H2''" 1 
ATOM   154 H "H1'"  . DA  A 1 5  ? 5.519   2.906   -2.944  1.00 0.00 ? 5  DA  A "H1'"  1 
ATOM   155 H H8     . DA  A 1 5  ? 5.782   -0.989  -2.529  1.00 0.00 ? 5  DA  A H8     1 
ATOM   156 H H61    . DA  A 1 5  ? 0.002   -0.890  -4.999  1.00 0.00 ? 5  DA  A H61    1 
ATOM   157 H H62    . DA  A 1 5  ? 1.256   -1.996  -4.474  1.00 0.00 ? 5  DA  A H62    1 
ATOM   158 H H2     . DA  A 1 5  ? 1.140   3.136   -4.201  1.00 0.00 ? 5  DA  A H2     1 
ATOM   159 P P      . DA  A 1 6  ? 8.574   4.151   -0.043  1.00 0.00 ? 6  DA  A P      1 
ATOM   160 O OP1    . DA  A 1 6  ? 9.733   5.075   -0.116  1.00 0.00 ? 6  DA  A OP1    1 
ATOM   161 O OP2    . DA  A 1 6  ? 8.676   2.940   0.794   1.00 0.00 ? 6  DA  A OP2    1 
ATOM   162 O "O5'"  . DA  A 1 6  ? 7.302   5.012   0.447   1.00 0.00 ? 6  DA  A "O5'"  1 
ATOM   163 C "C5'"  . DA  A 1 6  ? 7.014   6.271   -0.147  1.00 0.00 ? 6  DA  A "C5'"  1 
ATOM   164 C "C4'"  . DA  A 1 6  ? 5.570   6.777   0.069   1.00 0.00 ? 6  DA  A "C4'"  1 
ATOM   165 O "O4'"  . DA  A 1 6  ? 4.663   5.763   -0.331  1.00 0.00 ? 6  DA  A "O4'"  1 
ATOM   166 C "C3'"  . DA  A 1 6  ? 5.174   7.254   1.486   1.00 0.00 ? 6  DA  A "C3'"  1 
ATOM   167 O "O3'"  . DA  A 1 6  ? 4.348   8.402   1.378   1.00 0.00 ? 6  DA  A "O3'"  1 
ATOM   168 C "C2'"  . DA  A 1 6  ? 4.413   6.051   2.027   1.00 0.00 ? 6  DA  A "C2'"  1 
ATOM   169 C "C1'"  . DA  A 1 6  ? 3.825   5.427   0.753   1.00 0.00 ? 6  DA  A "C1'"  1 
ATOM   170 N N9     . DA  A 1 6  ? 3.684   3.957   0.768   1.00 0.00 ? 6  DA  A N9     1 
ATOM   171 C C8     . DA  A 1 6  ? 4.655   2.986   0.927   1.00 0.00 ? 6  DA  A C8     1 
ATOM   172 N N7     . DA  A 1 6  ? 4.258   1.777   0.647   1.00 0.00 ? 6  DA  A N7     1 
ATOM   173 C C5     . DA  A 1 6  ? 2.941   1.977   0.230   1.00 0.00 ? 6  DA  A C5     1 
ATOM   174 C C6     . DA  A 1 6  ? 1.967   1.162   -0.360  1.00 0.00 ? 6  DA  A C6     1 
ATOM   175 N N6     . DA  A 1 6  ? 2.198   -0.062  -0.743  1.00 0.00 ? 6  DA  A N6     1 
ATOM   176 N N1     . DA  A 1 6  ? 0.812   1.621   -0.815  1.00 0.00 ? 6  DA  A N1     1 
ATOM   177 C C2     . DA  A 1 6  ? 0.575   2.915   -0.654  1.00 0.00 ? 6  DA  A C2     1 
ATOM   178 N N3     . DA  A 1 6  ? 1.394   3.818   -0.119  1.00 0.00 ? 6  DA  A N3     1 
ATOM   179 C C4     . DA  A 1 6  ? 2.583   3.290   0.286   1.00 0.00 ? 6  DA  A C4     1 
ATOM   180 H "H5'"  . DA  A 1 6  ? 7.139   6.186   -1.230  1.00 0.00 ? 6  DA  A "H5'"  1 
ATOM   181 H "H5''" . DA  A 1 6  ? 7.722   7.018   0.215   1.00 0.00 ? 6  DA  A "H5''" 1 
ATOM   182 H "H4'"  . DA  A 1 6  ? 5.447   7.617   -0.617  1.00 0.00 ? 6  DA  A "H4'"  1 
ATOM   183 H "H3'"  . DA  A 1 6  ? 6.062   7.481   2.083   1.00 0.00 ? 6  DA  A "H3'"  1 
ATOM   184 H "H2'"  . DA  A 1 6  ? 5.136   5.455   2.569   1.00 0.00 ? 6  DA  A "H2'"  1 
ATOM   185 H "H2''" . DA  A 1 6  ? 3.623   6.295   2.731   1.00 0.00 ? 6  DA  A "H2''" 1 
ATOM   186 H "H1'"  . DA  A 1 6  ? 2.867   5.912   0.555   1.00 0.00 ? 6  DA  A "H1'"  1 
ATOM   187 H H8     . DA  A 1 6  ? 5.700   3.121   1.181   1.00 0.00 ? 6  DA  A H8     1 
ATOM   188 H H61    . DA  A 1 6  ? 1.599   -0.359  -1.487  1.00 0.00 ? 6  DA  A H61    1 
ATOM   189 H H62    . DA  A 1 6  ? 3.123   -0.423  -0.583  1.00 0.00 ? 6  DA  A H62    1 
ATOM   190 H H2     . DA  A 1 6  ? -0.376  3.283   -1.006  1.00 0.00 ? 6  DA  A H2     1 
ATOM   191 P P      . DT  A 1 7  ? 3.661   9.099   2.649   1.00 0.00 ? 7  DT  A P      1 
ATOM   192 O OP1    . DT  A 1 7  ? 3.407   10.515  2.291   1.00 0.00 ? 7  DT  A OP1    1 
ATOM   193 O OP2    . DT  A 1 7  ? 4.499   8.814   3.836   1.00 0.00 ? 7  DT  A OP2    1 
ATOM   194 O "O5'"  . DT  A 1 7  ? 2.243   8.328   2.784   1.00 0.00 ? 7  DT  A "O5'"  1 
ATOM   195 C "C5'"  . DT  A 1 7  ? 1.272   8.395   1.740   1.00 0.00 ? 7  DT  A "C5'"  1 
ATOM   196 C "C4'"  . DT  A 1 7  ? 0.054   7.442   1.876   1.00 0.00 ? 7  DT  A "C4'"  1 
ATOM   197 O "O4'"  . DT  A 1 7  ? 0.402   6.060   1.813   1.00 0.00 ? 7  DT  A "O4'"  1 
ATOM   198 C "C3'"  . DT  A 1 7  ? -0.828  7.649   3.124   1.00 0.00 ? 7  DT  A "C3'"  1 
ATOM   199 O "O3'"  . DT  A 1 7  ? -2.081  8.190   2.733   1.00 0.00 ? 7  DT  A "O3'"  1 
ATOM   200 C "C2'"  . DT  A 1 7  ? -0.920  6.214   3.665   1.00 0.00 ? 7  DT  A "C2'"  1 
ATOM   201 C "C1'"  . DT  A 1 7  ? -0.591  5.295   2.478   1.00 0.00 ? 7  DT  A "C1'"  1 
ATOM   202 N N1     . DT  A 1 7  ? 0.034   3.997   2.878   1.00 0.00 ? 7  DT  A N1     1 
ATOM   203 C C2     . DT  A 1 7  ? -0.496  2.769   2.444   1.00 0.00 ? 7  DT  A C2     1 
ATOM   204 O O2     . DT  A 1 7  ? -1.594  2.578   1.939   1.00 0.00 ? 7  DT  A O2     1 
ATOM   205 N N3     . DT  A 1 7  ? 0.265   1.652   2.640   1.00 0.00 ? 7  DT  A N3     1 
ATOM   206 C C4     . DT  A 1 7  ? 1.468   1.612   3.285   1.00 0.00 ? 7  DT  A C4     1 
ATOM   207 O O4     . DT  A 1 7  ? 2.044   0.538   3.342   1.00 0.00 ? 7  DT  A O4     1 
ATOM   208 C C5     . DT  A 1 7  ? 1.939   2.900   3.810   1.00 0.00 ? 7  DT  A C5     1 
ATOM   209 C C7     . DT  A 1 7  ? 3.196   3.052   4.668   1.00 0.00 ? 7  DT  A C7     1 
ATOM   210 C C6     . DT  A 1 7  ? 1.227   4.022   3.570   1.00 0.00 ? 7  DT  A C6     1 
ATOM   211 H "H5'"  . DT  A 1 7  ? 1.749   8.161   0.785   1.00 0.00 ? 7  DT  A "H5'"  1 
ATOM   212 H "H5''" . DT  A 1 7  ? 0.896   9.418   1.684   1.00 0.00 ? 7  DT  A "H5''" 1 
ATOM   213 H "H4'"  . DT  A 1 7  ? -0.564  7.623   0.994   1.00 0.00 ? 7  DT  A "H4'"  1 
ATOM   214 H "H3'"  . DT  A 1 7  ? -0.325  8.309   3.836   1.00 0.00 ? 7  DT  A "H3'"  1 
ATOM   215 H "H2'"  . DT  A 1 7  ? -0.163  6.130   4.442   1.00 0.00 ? 7  DT  A "H2'"  1 
ATOM   216 H "H2''" . DT  A 1 7  ? -1.884  5.980   4.100   1.00 0.00 ? 7  DT  A "H2''" 1 
ATOM   217 H "H1'"  . DT  A 1 7  ? -1.470  5.179   1.838   1.00 0.00 ? 7  DT  A "H1'"  1 
ATOM   218 H H3     . DT  A 1 7  ? -0.098  0.771   2.323   1.00 0.00 ? 7  DT  A H3     1 
ATOM   219 H H71    . DT  A 1 7  ? 4.018   2.622   4.122   1.00 0.00 ? 7  DT  A H71    1 
ATOM   220 H H72    . DT  A 1 7  ? 3.457   4.094   4.874   1.00 0.00 ? 7  DT  A H72    1 
ATOM   221 H H73    . DT  A 1 7  ? 3.074   2.524   5.614   1.00 0.00 ? 7  DT  A H73    1 
ATOM   222 H H6     . DT  A 1 7  ? 1.672   4.947   3.904   1.00 0.00 ? 7  DT  A H6     1 
ATOM   223 P P      . DT  A 1 8  ? -3.198  8.656   3.788   1.00 0.00 ? 8  DT  A P      1 
ATOM   224 O OP1    . DT  A 1 8  ? -4.186  9.497   3.069   1.00 0.00 ? 8  DT  A OP1    1 
ATOM   225 O OP2    . DT  A 1 8  ? -2.525  9.223   4.979   1.00 0.00 ? 8  DT  A OP2    1 
ATOM   226 O "O5'"  . DT  A 1 8  ? -3.918  7.280   4.200   1.00 0.00 ? 8  DT  A "O5'"  1 
ATOM   227 C "C5'"  . DT  A 1 8  ? -4.612  6.502   3.231   1.00 0.00 ? 8  DT  A "C5'"  1 
ATOM   228 C "C4'"  . DT  A 1 8  ? -4.938  5.072   3.717   1.00 0.00 ? 8  DT  A "C4'"  1 
ATOM   229 O "O4'"  . DT  A 1 8  ? -3.756  4.285   3.856   1.00 0.00 ? 8  DT  A "O4'"  1 
ATOM   230 C "C3'"  . DT  A 1 8  ? -5.714  4.991   5.051   1.00 0.00 ? 8  DT  A "C3'"  1 
ATOM   231 O "O3'"  . DT  A 1 8  ? -6.985  4.389   4.868   1.00 0.00 ? 8  DT  A "O3'"  1 
ATOM   232 C "C2'"  . DT  A 1 8  ? -4.794  4.102   5.892   1.00 0.00 ? 8  DT  A "C2'"  1 
ATOM   233 C "C1'"  . DT  A 1 8  ? -4.008  3.314   4.841   1.00 0.00 ? 8  DT  A "C1'"  1 
ATOM   234 N N1     . DT  A 1 8  ? -2.705  2.781   5.325   1.00 0.00 ? 8  DT  A N1     1 
ATOM   235 C C2     . DT  A 1 8  ? -2.394  1.454   5.029   1.00 0.00 ? 8  DT  A C2     1 
ATOM   236 O O2     . DT  A 1 8  ? -3.151  0.643   4.520   1.00 0.00 ? 8  DT  A O2     1 
ATOM   237 N N3     . DT  A 1 8  ? -1.156  1.010   5.373   1.00 0.00 ? 8  DT  A N3     1 
ATOM   238 C C4     . DT  A 1 8  ? -0.215  1.725   6.055   1.00 0.00 ? 8  DT  A C4     1 
ATOM   239 O O4     . DT  A 1 8  ? 0.828   1.164   6.349   1.00 0.00 ? 8  DT  A O4     1 
ATOM   240 C C5     . DT  A 1 8  ? -0.566  3.125   6.332   1.00 0.00 ? 8  DT  A C5     1 
ATOM   241 C C7     . DT  A 1 8  ? 0.376   4.074   7.090   1.00 0.00 ? 8  DT  A C7     1 
ATOM   242 C C6     . DT  A 1 8  ? -1.782  3.598   5.951   1.00 0.00 ? 8  DT  A C6     1 
ATOM   243 H "H5'"  . DT  A 1 8  ? -4.014  6.403   2.322   1.00 0.00 ? 8  DT  A "H5'"  1 
ATOM   244 H "H5''" . DT  A 1 8  ? -5.544  7.007   2.970   1.00 0.00 ? 8  DT  A "H5''" 1 
ATOM   245 H "H4'"  . DT  A 1 8  ? -5.535  4.597   2.935   1.00 0.00 ? 8  DT  A "H4'"  1 
ATOM   246 H "H3'"  . DT  A 1 8  ? -5.816  5.987   5.490   1.00 0.00 ? 8  DT  A "H3'"  1 
ATOM   247 H "H2'"  . DT  A 1 8  ? -4.160  4.775   6.463   1.00 0.00 ? 8  DT  A "H2'"  1 
ATOM   248 H "H2''" . DT  A 1 8  ? -5.328  3.444   6.573   1.00 0.00 ? 8  DT  A "H2''" 1 
ATOM   249 H "H1'"  . DT  A 1 8  ? -4.665  2.547   4.424   1.00 0.00 ? 8  DT  A "H1'"  1 
ATOM   250 H H3     . DT  A 1 8  ? -0.913  0.073   5.099   1.00 0.00 ? 8  DT  A H3     1 
ATOM   251 H H71    . DT  A 1 8  ? 0.078   4.111   8.140   1.00 0.00 ? 8  DT  A H71    1 
ATOM   252 H H72    . DT  A 1 8  ? 1.406   3.716   7.038   1.00 0.00 ? 8  DT  A H72    1 
ATOM   253 H H73    . DT  A 1 8  ? 0.342   5.083   6.674   1.00 0.00 ? 8  DT  A H73    1 
ATOM   254 H H6     . DT  A 1 8  ? -2.004  4.644   6.122   1.00 0.00 ? 8  DT  A H6     1 
ATOM   255 P P      . DT  A 1 9  ? -8.050  4.271   6.063   1.00 0.00 ? 9  DT  A P      1 
ATOM   256 O OP1    . DT  A 1 9  ? -9.408  4.377   5.479   1.00 0.00 ? 9  DT  A OP1    1 
ATOM   257 O OP2    . DT  A 1 9  ? -7.668  5.211   7.140   1.00 0.00 ? 9  DT  A OP2    1 
ATOM   258 O "O5'"  . DT  A 1 9  ? -7.858  2.770   6.623   1.00 0.00 ? 9  DT  A "O5'"  1 
ATOM   259 C "C5'"  . DT  A 1 9  ? -8.354  1.643   5.905   1.00 0.00 ? 9  DT  A "C5'"  1 
ATOM   260 C "C4'"  . DT  A 1 9  ? -8.066  0.297   6.613   1.00 0.00 ? 9  DT  A "C4'"  1 
ATOM   261 O "O4'"  . DT  A 1 9  ? -6.682  -0.036  6.566   1.00 0.00 ? 9  DT  A "O4'"  1 
ATOM   262 C "C3'"  . DT  A 1 9  ? -8.551  0.235   8.077   1.00 0.00 ? 9  DT  A "C3'"  1 
ATOM   263 O "O3'"  . DT  A 1 9  ? -9.851  -0.352  8.190   1.00 0.00 ? 9  DT  A "O3'"  1 
ATOM   264 C "C2'"  . DT  A 1 9  ? -7.500  -0.668  8.693   1.00 0.00 ? 9  DT  A "C2'"  1 
ATOM   265 C "C1'"  . DT  A 1 9  ? -6.295  -0.706  7.743   1.00 0.00 ? 9  DT  A "C1'"  1 
ATOM   266 N N1     . DT  A 1 9  ? -4.996  -0.099  8.128   1.00 0.00 ? 9  DT  A N1     1 
ATOM   267 C C2     . DT  A 1 9  ? -3.856  -0.754  7.649   1.00 0.00 ? 9  DT  A C2     1 
ATOM   268 O O2     . DT  A 1 9  ? -3.862  -1.841  7.091   1.00 0.00 ? 9  DT  A O2     1 
ATOM   269 N N3     . DT  A 1 9  ? -2.650  -0.168  7.855   1.00 0.00 ? 9  DT  A N3     1 
ATOM   270 C C4     . DT  A 1 9  ? -2.465  1.015   8.502   1.00 0.00 ? 9  DT  A C4     1 
ATOM   271 O O4     . DT  A 1 9  ? -1.324  1.341   8.790   1.00 0.00 ? 9  DT  A O4     1 
ATOM   272 C C5     . DT  A 1 9  ? -3.687  1.777   8.795   1.00 0.00 ? 9  DT  A C5     1 
ATOM   273 C C7     . DT  A 1 9  ? -3.621  3.229   9.292   1.00 0.00 ? 9  DT  A C7     1 
ATOM   274 C C6     . DT  A 1 9  ? -4.905  1.193   8.607   1.00 0.00 ? 9  DT  A C6     1 
ATOM   275 H "H5'"  . DT  A 1 9  ? -7.906  1.614   4.909   1.00 0.00 ? 9  DT  A "H5'"  1 
ATOM   276 H "H5''" . DT  A 1 9  ? -9.435  1.735   5.794   1.00 0.00 ? 9  DT  A "H5''" 1 
ATOM   277 H "H4'"  . DT  A 1 9  ? -8.558  -0.503  6.061   1.00 0.00 ? 9  DT  A "H4'"  1 
ATOM   278 H "H3'"  . DT  A 1 9  ? -8.477  1.214   8.539   1.00 0.00 ? 9  DT  A "H3'"  1 
ATOM   279 H "H2'"  . DT  A 1 9  ? -7.282  -0.367  9.721   1.00 0.00 ? 9  DT  A "H2'"  1 
ATOM   280 H "H2''" . DT  A 1 9  ? -7.981  -1.650  8.627   1.00 0.00 ? 9  DT  A "H2''" 1 
ATOM   281 H "H1'"  . DT  A 1 9  ? -6.146  -1.774  7.620   1.00 0.00 ? 9  DT  A "H1'"  1 
ATOM   282 H H3     . DT  A 1 9  ? -1.834  -0.693  7.572   1.00 0.00 ? 9  DT  A H3     1 
ATOM   283 H H71    . DT  A 1 9  ? -2.651  3.671   9.043   1.00 0.00 ? 9  DT  A H71    1 
ATOM   284 H H72    . DT  A 1 9  ? -4.393  3.840   8.816   1.00 0.00 ? 9  DT  A H72    1 
ATOM   285 H H73    . DT  A 1 9  ? -3.752  3.266   10.372  1.00 0.00 ? 9  DT  A H73    1 
ATOM   286 H H6     . DT  A 1 9  ? -5.819  1.751   8.789   1.00 0.00 ? 9  DT  A H6     1 
ATOM   287 P P      . DA  A 1 10 ? -10.546 -0.731  9.603   1.00 0.00 ? 10 DA  A P      1 
ATOM   288 O OP1    . DA  A 1 10 ? -11.988 -0.962  9.348   1.00 0.00 ? 10 DA  A OP1    1 
ATOM   289 O OP2    . DA  A 1 10 ? -10.164 0.281   10.613  1.00 0.00 ? 10 DA  A OP2    1 
ATOM   290 O "O5'"  . DA  A 1 10 ? -9.938  -2.144  10.118  1.00 0.00 ? 10 DA  A "O5'"  1 
ATOM   291 C "C5'"  . DA  A 1 10 ? -10.269 -3.383  9.492   1.00 0.00 ? 10 DA  A "C5'"  1 
ATOM   292 C "C4'"  . DA  A 1 10 ? -9.601  -4.632  10.127  1.00 0.00 ? 10 DA  A "C4'"  1 
ATOM   293 O "O4'"  . DA  A 1 10 ? -8.194  -4.446  10.108  1.00 0.00 ? 10 DA  A "O4'"  1 
ATOM   294 C "C3'"  . DA  A 1 10 ? -10.020 -4.988  11.576  1.00 0.00 ? 10 DA  A "C3'"  1 
ATOM   295 O "O3'"  . DA  A 1 10 ? -9.953  -6.393  11.811  1.00 0.00 ? 10 DA  A "O3'"  1 
ATOM   296 C "C2'"  . DA  A 1 10 ? -8.961  -4.215  12.346  1.00 0.00 ? 10 DA  A "C2'"  1 
ATOM   297 C "C1'"  . DA  A 1 10 ? -7.734  -4.301  11.432  1.00 0.00 ? 10 DA  A "C1'"  1 
ATOM   298 N N9     . DA  A 1 10 ? -6.851  -3.118  11.492  1.00 0.00 ? 10 DA  A N9     1 
ATOM   299 C C8     . DA  A 1 10 ? -7.046  -1.875  12.032  1.00 0.00 ? 10 DA  A C8     1 
ATOM   300 N N7     . DA  A 1 10 ? -5.986  -1.110  12.079  1.00 0.00 ? 10 DA  A N7     1 
ATOM   301 C C5     . DA  A 1 10 ? -5.067  -1.865  11.325  1.00 0.00 ? 10 DA  A C5     1 
ATOM   302 C C6     . DA  A 1 10 ? -3.756  -1.682  10.833  1.00 0.00 ? 10 DA  A C6     1 
ATOM   303 N N6     . DA  A 1 10 ? -3.003  -0.630  11.036  1.00 0.00 ? 10 DA  A N6     1 
ATOM   304 N N1     . DA  A 1 10 ? -3.150  -2.600  10.098  1.00 0.00 ? 10 DA  A N1     1 
ATOM   305 C C2     . DA  A 1 10 ? -3.797  -3.725  9.836   1.00 0.00 ? 10 DA  A C2     1 
ATOM   306 N N3     . DA  A 1 10 ? -5.014  -4.049  10.229  1.00 0.00 ? 10 DA  A N3     1 
ATOM   307 C C4     . DA  A 1 10 ? -5.605  -3.066  10.946  1.00 0.00 ? 10 DA  A C4     1 
ATOM   308 H "H5'"  . DA  A 1 10 ? -9.948  -3.337  8.448   1.00 0.00 ? 10 DA  A "H5'"  1 
ATOM   309 H "H5''" . DA  A 1 10 ? -11.349 -3.537  9.507   1.00 0.00 ? 10 DA  A "H5''" 1 
ATOM   310 H "H4'"  . DA  A 1 10 ? -9.832  -5.480  9.482   1.00 0.00 ? 10 DA  A "H4'"  1 
ATOM   311 H "H3'"  . DA  A 1 10 ? -11.028 -4.625  11.787  1.00 0.00 ? 10 DA  A "H3'"  1 
ATOM   312 H "H2'"  . DA  A 1 10 ? -9.340  -3.201  12.440  1.00 0.00 ? 10 DA  A "H2'"  1 
ATOM   313 H "H2''" . DA  A 1 10 ? -8.777  -4.640  13.330  1.00 0.00 ? 10 DA  A "H2''" 1 
ATOM   314 H "H1'"  . DA  A 1 10 ? -7.170  -5.199  11.693  1.00 0.00 ? 10 DA  A "H1'"  1 
ATOM   315 H H8     . DA  A 1 10 ? -7.959  -1.552  12.479  1.00 0.00 ? 10 DA  A H8     1 
ATOM   316 H H61    . DA  A 1 10 ? -2.056  -0.715  10.689  1.00 0.00 ? 10 DA  A H61    1 
ATOM   317 H H62    . DA  A 1 10 ? -3.320  0.124   11.615  1.00 0.00 ? 10 DA  A H62    1 
ATOM   318 H H2     . DA  A 1 10 ? -3.277  -4.472  9.263   1.00 0.00 ? 10 DA  A H2     1 
HETATM 319 P P      . DNR A 1 11 ? -10.312 -7.089  13.226  1.00 0.00 ? 11 DNR A P      1 
HETATM 320 O OP1    . DNR A 1 11 ? -11.107 -8.313  12.965  1.00 0.00 ? 11 DNR A OP1    1 
HETATM 321 O OP2    . DNR A 1 11 ? -10.844 -6.082  14.171  1.00 0.00 ? 11 DNR A OP2    1 
HETATM 322 O "O5'"  . DNR A 1 11 ? -8.873  -7.579  13.762  1.00 0.00 ? 11 DNR A "O5'"  1 
HETATM 323 C "C5'"  . DNR A 1 11 ? -8.163  -8.601  13.064  1.00 0.00 ? 11 DNR A "C5'"  1 
HETATM 324 C "C4'"  . DNR A 1 11 ? -6.662  -8.692  13.428  1.00 0.00 ? 11 DNR A "C4'"  1 
HETATM 325 O "O4'"  . DNR A 1 11 ? -6.062  -7.412  13.223  1.00 0.00 ? 11 DNR A "O4'"  1 
HETATM 326 C "C1'"  . DNR A 1 11 ? -5.466  -6.946  14.413  1.00 0.00 ? 11 DNR A "C1'"  1 
HETATM 327 N N1     . DNR A 1 11 ? -5.700  -5.513  14.531  1.00 0.00 ? 11 DNR A N1     1 
HETATM 328 C C6     . DNR A 1 11 ? -6.862  -4.944  15.262  1.00 0.00 ? 11 DNR A C6     1 
HETATM 329 C C2     . DNR A 1 11 ? -4.857  -4.645  13.938  1.00 0.00 ? 11 DNR A C2     1 
HETATM 330 O O2     . DNR A 1 11 ? -3.916  -5.014  13.252  1.00 0.00 ? 11 DNR A O2     1 
HETATM 331 N N3     . DNR A 1 11 ? -5.001  -3.333  14.137  1.00 0.00 ? 11 DNR A N3     1 
HETATM 332 C C4     . DNR A 1 11 ? -6.011  -2.798  14.872  1.00 0.00 ? 11 DNR A C4     1 
HETATM 333 N N4     . DNR A 1 11 ? -6.044  -1.374  14.962  1.00 0.00 ? 11 DNR A N4     1 
HETATM 334 C C5     . DNR A 1 11 ? -6.956  -3.598  15.436  1.00 0.00 ? 11 DNR A C5     1 
HETATM 335 C "C2'"  . DNR A 1 11 ? -6.014  -7.810  15.539  1.00 0.00 ? 11 DNR A "C2'"  1 
HETATM 336 C "C3'"  . DNR A 1 11 ? -6.259  -9.154  14.856  1.00 0.00 ? 11 DNR A "C3'"  1 
HETATM 337 O "O3'"  . DNR A 1 11 ? -5.081  -9.989  14.771  1.00 0.00 ? 11 DNR A "O3'"  1 
HETATM 338 H "H5'"  . DNR A 1 11 ? -8.193  -8.395  11.991  1.00 0.00 ? 11 DNR A "H5'"  1 
HETATM 339 H "H5''" . DNR A 1 11 ? -8.629  -9.570  13.240  1.00 0.00 ? 11 DNR A "H5''" 1 
HETATM 340 H "H4'"  . DNR A 1 11 ? -6.186  -9.370  12.705  1.00 0.00 ? 11 DNR A "H4'"  1 
HETATM 341 H "H1'"  . DNR A 1 11 ? -4.389  -7.165  14.314  1.00 0.00 ? 11 DNR A "H1'"  1 
HETATM 342 H H6     . DNR A 1 11 ? -7.656  -5.582  15.628  1.00 0.00 ? 11 DNR A H6     1 
HETATM 343 H HN3    . DNR A 1 11 ? -4.303  -2.726  13.719  1.00 0.00 ? 11 DNR A HN3    1 
HETATM 344 H H41    . DNR A 1 11 ? -6.937  -1.022  14.651  1.00 0.00 ? 11 DNR A H41    1 
HETATM 345 H H42    . DNR A 1 11 ? -5.329  -0.995  14.316  1.00 0.00 ? 11 DNR A H42    1 
HETATM 346 H H5     . DNR A 1 11 ? -7.779  -3.179  15.993  1.00 0.00 ? 11 DNR A H5     1 
HETATM 347 H "H2'"  . DNR A 1 11 ? -6.989  -7.452  15.881  1.00 0.00 ? 11 DNR A "H2'"  1 
HETATM 348 H "H2''" . DNR A 1 11 ? -5.318  -7.882  16.382  1.00 0.00 ? 11 DNR A "H2''" 1 
HETATM 349 H "H3'"  . DNR A 1 11 ? -7.091  -9.689  15.337  1.00 0.00 ? 11 DNR A "H3'"  1 
HETATM 350 P P      . DNR A 1 12 ? -4.449  -10.476 16.187  1.00 0.00 ? 12 DNR A P      1 
HETATM 351 O OP1    . DNR A 1 12 ? -3.944  -11.859 16.036  1.00 0.00 ? 12 DNR A OP1    1 
HETATM 352 O OP2    . DNR A 1 12 ? -5.364  -10.180 17.313  1.00 0.00 ? 12 DNR A OP2    1 
HETATM 353 O "O5'"  . DNR A 1 12 ? -3.150  -9.534  16.329  1.00 0.00 ? 12 DNR A "O5'"  1 
HETATM 354 C "C5'"  . DNR A 1 12 ? -2.152  -9.521  15.308  1.00 0.00 ? 12 DNR A "C5'"  1 
HETATM 355 C "C4'"  . DNR A 1 12 ? -0.850  -8.809  15.742  1.00 0.00 ? 12 DNR A "C4'"  1 
HETATM 356 O "O4'"  . DNR A 1 12 ? -0.995  -7.385  15.693  1.00 0.00 ? 12 DNR A "O4'"  1 
HETATM 357 C "C1'"  . DNR A 1 12 ? -0.665  -6.798  16.940  1.00 0.00 ? 12 DNR A "C1'"  1 
HETATM 358 N N1     . DNR A 1 12 ? -1.535  -5.677  17.241  1.00 0.00 ? 12 DNR A N1     1 
HETATM 359 C C6     . DNR A 1 12 ? -2.978  -5.809  16.967  1.00 0.00 ? 12 DNR A C6     1 
HETATM 360 C C2     . DNR A 1 12 ? -1.093  -4.511  17.749  1.00 0.00 ? 12 DNR A C2     1 
HETATM 361 O O2     . DNR A 1 12 ? 0.079   -4.364  18.099  1.00 0.00 ? 12 DNR A O2     1 
HETATM 362 N N3     . DNR A 1 12 ? -1.930  -3.481  17.909  1.00 0.00 ? 12 DNR A N3     1 
HETATM 363 C C4     . DNR A 1 12 ? -3.266  -3.585  17.634  1.00 0.00 ? 12 DNR A C4     1 
HETATM 364 N N4     . DNR A 1 12 ? -4.083  -2.434  17.838  1.00 0.00 ? 12 DNR A N4     1 
HETATM 365 C C5     . DNR A 1 12 ? -3.795  -4.745  17.179  1.00 0.00 ? 12 DNR A C5     1 
HETATM 366 C "C2'"  . DNR A 1 12 ? -0.808  -7.905  17.967  1.00 0.00 ? 12 DNR A "C2'"  1 
HETATM 367 C "C3'"  . DNR A 1 12 ? -0.401  -9.143  17.174  1.00 0.00 ? 12 DNR A "C3'"  1 
HETATM 368 O "O3'"  . DNR A 1 12 ? 1.013   -9.329  17.232  1.00 0.00 ? 12 DNR A "O3'"  1 
HETATM 369 H "H5'"  . DNR A 1 12 ? -2.524  -9.028  14.406  1.00 0.00 ? 12 DNR A "H5'"  1 
HETATM 370 H "H5''" . DNR A 1 12 ? -1.869  -10.543 15.047  1.00 0.00 ? 12 DNR A "H5''" 1 
HETATM 371 H "H4'"  . DNR A 1 12 ? -0.056  -9.068  15.026  1.00 0.00 ? 12 DNR A "H4'"  1 
HETATM 372 H "H1'"  . DNR A 1 12 ? 0.392   -6.490  16.874  1.00 0.00 ? 12 DNR A "H1'"  1 
HETATM 373 H H6     . DNR A 1 12 ? -3.379  -6.742  16.595  1.00 0.00 ? 12 DNR A H6     1 
HETATM 374 H HN3    . DNR A 1 12 ? -1.557  -2.619  18.269  1.00 0.00 ? 12 DNR A HN3    1 
HETATM 375 H H41    . DNR A 1 12 ? -4.455  -2.059  16.971  1.00 0.00 ? 12 DNR A H41    1 
HETATM 376 H H42    . DNR A 1 12 ? -3.728  -1.827  18.569  1.00 0.00 ? 12 DNR A H42    1 
HETATM 377 H H5     . DNR A 1 12 ? -4.852  -4.826  16.992  1.00 0.00 ? 12 DNR A H5     1 
HETATM 378 H "H2'"  . DNR A 1 12 ? -1.865  -7.998  18.259  1.00 0.00 ? 12 DNR A "H2'"  1 
HETATM 379 H "H2''" . DNR A 1 12 ? -0.172  -7.727  18.845  1.00 0.00 ? 12 DNR A "H2''" 1 
HETATM 380 H "H3'"  . DNR A 1 12 ? -0.927  -10.036 17.541  1.00 0.00 ? 12 DNR A "H3'"  1 
ATOM   381 P P      . DC  B 2 1  ? 12.413  5.204   -15.565 1.00 0.00 ? 1  DC  B P      1 
ATOM   382 O OP1    . DC  B 2 1  ? 13.526  6.165   -15.366 1.00 0.00 ? 1  DC  B OP1    1 
ATOM   383 O OP2    . DC  B 2 1  ? 12.360  4.485   -16.860 1.00 0.00 ? 1  DC  B OP2    1 
ATOM   384 O "O5'"  . DC  B 2 1  ? 11.034  6.016   -15.405 1.00 0.00 ? 1  DC  B "O5'"  1 
ATOM   385 C "C5'"  . DC  B 2 1  ? 10.733  7.120   -16.238 1.00 0.00 ? 1  DC  B "C5'"  1 
ATOM   386 C "C4'"  . DC  B 2 1  ? 9.307   7.665   -16.032 1.00 0.00 ? 1  DC  B "C4'"  1 
ATOM   387 O "O4'"  . DC  B 2 1  ? 8.347   6.674   -16.379 1.00 0.00 ? 1  DC  B "O4'"  1 
ATOM   388 C "C3'"  . DC  B 2 1  ? 8.996   8.155   -14.601 1.00 0.00 ? 1  DC  B "C3'"  1 
ATOM   389 O "O3'"  . DC  B 2 1  ? 8.227   9.339   -14.697 1.00 0.00 ? 1  DC  B "O3'"  1 
ATOM   390 C "C2'"  . DC  B 2 1  ? 8.158   7.003   -14.066 1.00 0.00 ? 1  DC  B "C2'"  1 
ATOM   391 C "C1'"  . DC  B 2 1  ? 7.407   6.586   -15.325 1.00 0.00 ? 1  DC  B "C1'"  1 
ATOM   392 N N1     . DC  B 2 1  ? 6.887   5.204   -15.270 1.00 0.00 ? 1  DC  B N1     1 
ATOM   393 C C2     . DC  B 2 1  ? 5.514   5.031   -15.367 1.00 0.00 ? 1  DC  B C2     1 
ATOM   394 O O2     . DC  B 2 1  ? 4.732   5.975   -15.335 1.00 0.00 ? 1  DC  B O2     1 
ATOM   395 N N3     . DC  B 2 1  ? 4.987   3.809   -15.539 1.00 0.00 ? 1  DC  B N3     1 
ATOM   396 C C4     . DC  B 2 1  ? 5.775   2.768   -15.498 1.00 0.00 ? 1  DC  B C4     1 
ATOM   397 N N4     . DC  B 2 1  ? 5.227   1.684   -15.931 1.00 0.00 ? 1  DC  B N4     1 
ATOM   398 C C5     . DC  B 2 1  ? 7.188   2.863   -15.434 1.00 0.00 ? 1  DC  B C5     1 
ATOM   399 C C6     . DC  B 2 1  ? 7.712   4.106   -15.326 1.00 0.00 ? 1  DC  B C6     1 
ATOM   400 H "H5'"  . DC  B 2 1  ? 10.825  6.823   -17.286 1.00 0.00 ? 1  DC  B "H5'"  1 
ATOM   401 H "H5''" . DC  B 2 1  ? 11.444  7.925   -16.041 1.00 0.00 ? 1  DC  B "H5''" 1 
ATOM   402 H "H4'"  . DC  B 2 1  ? 9.190   8.502   -16.723 1.00 0.00 ? 1  DC  B "H4'"  1 
ATOM   403 H "H3'"  . DC  B 2 1  ? 9.910   8.310   -14.023 1.00 0.00 ? 1  DC  B "H3'"  1 
ATOM   404 H "H2'"  . DC  B 2 1  ? 8.827   6.235   -13.687 1.00 0.00 ? 1  DC  B "H2'"  1 
ATOM   405 H "H2''" . DC  B 2 1  ? 7.489   7.311   -13.268 1.00 0.00 ? 1  DC  B "H2''" 1 
ATOM   406 H "H1'"  . DC  B 2 1  ? 6.642   7.340   -15.525 1.00 0.00 ? 1  DC  B "H1'"  1 
ATOM   407 H H41    . DC  B 2 1  ? 4.262   1.820   -16.199 1.00 0.00 ? 1  DC  B H41    1 
ATOM   408 H H42    . DC  B 2 1  ? 5.702   0.808   -15.917 1.00 0.00 ? 1  DC  B H42    1 
ATOM   409 H H5     . DC  B 2 1  ? 7.821   1.995   -15.482 1.00 0.00 ? 1  DC  B H5     1 
ATOM   410 H H6     . DC  B 2 1  ? 8.790   4.216   -15.346 1.00 0.00 ? 1  DC  B H6     1 
ATOM   411 P P      . DC  B 2 2  ? 7.810   10.189  -13.405 1.00 0.00 ? 2  DC  B P      1 
ATOM   412 O OP1    . DC  B 2 2  ? 7.833   11.610  -13.822 1.00 0.00 ? 2  DC  B OP1    1 
ATOM   413 O OP2    . DC  B 2 2  ? 8.661   9.748   -12.284 1.00 0.00 ? 2  DC  B OP2    1 
ATOM   414 O "O5'"  . DC  B 2 2  ? 6.280   9.746   -13.145 1.00 0.00 ? 2  DC  B "O5'"  1 
ATOM   415 C "C5'"  . DC  B 2 2  ? 5.254   10.209  -14.011 1.00 0.00 ? 2  DC  B "C5'"  1 
ATOM   416 C "C4'"  . DC  B 2 2  ? 3.848   9.614   -13.783 1.00 0.00 ? 2  DC  B "C4'"  1 
ATOM   417 O "O4'"  . DC  B 2 2  ? 3.845   8.192   -13.815 1.00 0.00 ? 2  DC  B "O4'"  1 
ATOM   418 C "C3'"  . DC  B 2 2  ? 3.103   10.062  -12.507 1.00 0.00 ? 2  DC  B "C3'"  1 
ATOM   419 O "O3'"  . DC  B 2 2  ? 1.771   10.312  -12.909 1.00 0.00 ? 2  DC  B "O3'"  1 
ATOM   420 C "C2'"  . DC  B 2 2  ? 3.196   8.818   -11.629 1.00 0.00 ? 2  DC  B "C2'"  1 
ATOM   421 C "C1'"  . DC  B 2 2  ? 3.132   7.726   -12.686 1.00 0.00 ? 2  DC  B "C1'"  1 
ATOM   422 N N1     . DC  B 2 2  ? 3.721   6.422   -12.314 1.00 0.00 ? 2  DC  B N1     1 
ATOM   423 C C2     . DC  B 2 2  ? 2.973   5.289   -12.607 1.00 0.00 ? 2  DC  B C2     1 
ATOM   424 O O2     . DC  B 2 2  ? 1.802   5.378   -12.970 1.00 0.00 ? 2  DC  B O2     1 
ATOM   425 N N3     . DC  B 2 2  ? 3.523   4.064   -12.576 1.00 0.00 ? 2  DC  B N3     1 
ATOM   426 C C4     . DC  B 2 2  ? 4.781   3.955   -12.234 1.00 0.00 ? 2  DC  B C4     1 
ATOM   427 N N4     . DC  B 2 2  ? 5.286   2.778   -12.395 1.00 0.00 ? 2  DC  B N4     1 
ATOM   428 C C5     . DC  B 2 2  ? 5.634   5.062   -12.018 1.00 0.00 ? 2  DC  B C5     1 
ATOM   429 C C6     . DC  B 2 2  ? 5.064   6.288   -12.055 1.00 0.00 ? 2  DC  B C6     1 
ATOM   430 H "H5'"  . DC  B 2 2  ? 5.532   9.967   -15.039 1.00 0.00 ? 2  DC  B "H5'"  1 
ATOM   431 H "H5''" . DC  B 2 2  ? 5.172   11.294  -13.927 1.00 0.00 ? 2  DC  B "H5''" 1 
ATOM   432 H "H4'"  . DC  B 2 2  ? 3.270   9.945   -14.649 1.00 0.00 ? 2  DC  B "H4'"  1 
ATOM   433 H "H3'"  . DC  B 2 2  ? 3.565   10.937  -12.044 1.00 0.00 ? 2  DC  B "H3'"  1 
ATOM   434 H "H2'"  . DC  B 2 2  ? 4.134   8.847   -11.083 1.00 0.00 ? 2  DC  B "H2'"  1 
ATOM   435 H "H2''" . DC  B 2 2  ? 2.372   8.736   -10.919 1.00 0.00 ? 2  DC  B "H2''" 1 
ATOM   436 H "H1'"  . DC  B 2 2  ? 2.079   7.672   -12.969 1.00 0.00 ? 2  DC  B "H1'"  1 
ATOM   437 H H41    . DC  B 2 2  ? 4.572   2.094   -12.602 1.00 0.00 ? 2  DC  B H41    1 
ATOM   438 H H42    . DC  B 2 2  ? 6.163   2.551   -11.972 1.00 0.00 ? 2  DC  B H42    1 
ATOM   439 H H5     . DC  B 2 2  ? 6.687   4.949   -11.826 1.00 0.00 ? 2  DC  B H5     1 
ATOM   440 H H6     . DC  B 2 2  ? 5.700   7.157   -11.944 1.00 0.00 ? 2  DC  B H6     1 
ATOM   441 P P      . DT  B 2 3  ? 0.668   10.933  -11.935 1.00 0.00 ? 3  DT  B P      1 
ATOM   442 O OP1    . DT  B 2 3  ? 0.034   12.055  -12.667 1.00 0.00 ? 3  DT  B OP1    1 
ATOM   443 O OP2    . DT  B 2 3  ? 1.283   11.169  -10.617 1.00 0.00 ? 3  DT  B OP2    1 
ATOM   444 O "O5'"  . DT  B 2 3  ? -0.372  9.713   -11.851 1.00 0.00 ? 3  DT  B "O5'"  1 
ATOM   445 C "C5'"  . DT  B 2 3  ? -1.049  9.260   -13.016 1.00 0.00 ? 3  DT  B "C5'"  1 
ATOM   446 C "C4'"  . DT  B 2 3  ? -1.842  7.960   -12.790 1.00 0.00 ? 3  DT  B "C4'"  1 
ATOM   447 O "O4'"  . DT  B 2 3  ? -1.008  6.967   -12.218 1.00 0.00 ? 3  DT  B "O4'"  1 
ATOM   448 C "C3'"  . DT  B 2 3  ? -3.102  8.129   -11.915 1.00 0.00 ? 3  DT  B "C3'"  1 
ATOM   449 O "O3'"  . DT  B 2 3  ? -4.192  7.512   -12.573 1.00 0.00 ? 3  DT  B "O3'"  1 
ATOM   450 C "C2'"  . DT  B 2 3  ? -2.683  7.426   -10.639 1.00 0.00 ? 3  DT  B "C2'"  1 
ATOM   451 C "C1'"  . DT  B 2 3  ? -1.765  6.356   -11.204 1.00 0.00 ? 3  DT  B "C1'"  1 
ATOM   452 N N1     . DT  B 2 3  ? -0.792  5.797   -10.240 1.00 0.00 ? 3  DT  B N1     1 
ATOM   453 C C2     . DT  B 2 3  ? -0.458  4.463   -10.412 1.00 0.00 ? 3  DT  B C2     1 
ATOM   454 O O2     . DT  B 2 3  ? -0.964  3.723   -11.248 1.00 0.00 ? 3  DT  B O2     1 
ATOM   455 N N3     . DT  B 2 3  ? 0.583   3.980   -9.688  1.00 0.00 ? 3  DT  B N3     1 
ATOM   456 C C4     . DT  B 2 3  ? 1.427   4.722   -8.923  1.00 0.00 ? 3  DT  B C4     1 
ATOM   457 O O4     . DT  B 2 3  ? 2.428   4.181   -8.487  1.00 0.00 ? 3  DT  B O4     1 
ATOM   458 C C5     . DT  B 2 3  ? 1.074   6.132   -8.785  1.00 0.00 ? 3  DT  B C5     1 
ATOM   459 C C7     . DT  B 2 3  ? 1.915   7.083   -7.927  1.00 0.00 ? 3  DT  B C7     1 
ATOM   460 C C6     . DT  B 2 3  ? -0.011  6.619   -9.444  1.00 0.00 ? 3  DT  B C6     1 
ATOM   461 H "H5'"  . DT  B 2 3  ? -0.324  9.049   -13.805 1.00 0.00 ? 3  DT  B "H5'"  1 
ATOM   462 H "H5''" . DT  B 2 3  ? -1.733  10.033  -13.374 1.00 0.00 ? 3  DT  B "H5''" 1 
ATOM   463 H "H4'"  . DT  B 2 3  ? -2.155  7.553   -13.750 1.00 0.00 ? 3  DT  B "H4'"  1 
ATOM   464 H "H3'"  . DT  B 2 3  ? -3.317  9.169   -11.711 1.00 0.00 ? 3  DT  B "H3'"  1 
ATOM   465 H "H2'"  . DT  B 2 3  ? -2.166  8.148   -10.014 1.00 0.00 ? 3  DT  B "H2'"  1 
ATOM   466 H "H2''" . DT  B 2 3  ? -3.531  7.022   -10.096 1.00 0.00 ? 3  DT  B "H2''" 1 
ATOM   467 H "H1'"  . DT  B 2 3  ? -2.423  5.652   -11.710 1.00 0.00 ? 3  DT  B "H1'"  1 
ATOM   468 H H3     . DT  B 2 3  ? 0.926   3.040   -9.821  1.00 0.00 ? 3  DT  B H3     1 
ATOM   469 H H71    . DT  B 2 3  ? 2.179   7.983   -8.487  1.00 0.00 ? 3  DT  B H71    1 
ATOM   470 H H72    . DT  B 2 3  ? 1.353   7.364   -7.035  1.00 0.00 ? 3  DT  B H72    1 
ATOM   471 H H73    . DT  B 2 3  ? 2.838   6.595   -7.601  1.00 0.00 ? 3  DT  B H73    1 
ATOM   472 H H6     . DT  B 2 3  ? -0.204  7.681   -9.381  1.00 0.00 ? 3  DT  B H6     1 
ATOM   473 P P      . DA  B 2 4  ? -5.657  7.431   -11.934 1.00 0.00 ? 4  DA  B P      1 
ATOM   474 O OP1    . DA  B 2 4  ? -6.624  7.484   -13.056 1.00 0.00 ? 4  DA  B OP1    1 
ATOM   475 O OP2    . DA  B 2 4  ? -5.754  8.436   -10.855 1.00 0.00 ? 4  DA  B OP2    1 
ATOM   476 O "O5'"  . DA  B 2 4  ? -5.645  5.944   -11.315 1.00 0.00 ? 4  DA  B "O5'"  1 
ATOM   477 C "C5'"  . DA  B 2 4  ? -5.540  4.812   -12.171 1.00 0.00 ? 4  DA  B "C5'"  1 
ATOM   478 C "C4'"  . DA  B 2 4  ? -5.412  3.454   -11.446 1.00 0.00 ? 4  DA  B "C4'"  1 
ATOM   479 O "O4'"  . DA  B 2 4  ? -4.200  3.303   -10.702 1.00 0.00 ? 4  DA  B "O4'"  1 
ATOM   480 C "C3'"  . DA  B 2 4  ? -6.595  3.104   -10.517 1.00 0.00 ? 4  DA  B "C3'"  1 
ATOM   481 O "O3'"  . DA  B 2 4  ? -7.304  2.019   -11.088 1.00 0.00 ? 4  DA  B "O3'"  1 
ATOM   482 C "C2'"  . DA  B 2 4  ? -5.848  2.765   -9.219  1.00 0.00 ? 4  DA  B "C2'"  1 
ATOM   483 C "C1'"  . DA  B 2 4  ? -4.449  2.349   -9.683  1.00 0.00 ? 4  DA  B "C1'"  1 
ATOM   484 N N9     . DA  B 2 4  ? -3.381  2.474   -8.659  1.00 0.00 ? 4  DA  B N9     1 
ATOM   485 C C8     . DA  B 2 4  ? -3.188  3.483   -7.750  1.00 0.00 ? 4  DA  B C8     1 
ATOM   486 N N7     . DA  B 2 4  ? -1.979  3.545   -7.256  1.00 0.00 ? 4  DA  B N7     1 
ATOM   487 C C5     . DA  B 2 4  ? -1.366  2.391   -7.769  1.00 0.00 ? 4  DA  B C5     1 
ATOM   488 C C6     . DA  B 2 4  ? -0.106  1.745   -7.626  1.00 0.00 ? 4  DA  B C6     1 
ATOM   489 N N6     . DA  B 2 4  ? 0.976   2.220   -7.051  1.00 0.00 ? 4  DA  B N6     1 
ATOM   490 N N1     . DA  B 2 4  ? 0.113   0.538   -8.119  1.00 0.00 ? 4  DA  B N1     1 
ATOM   491 C C2     . DA  B 2 4  ? -0.870  -0.047  -8.774  1.00 0.00 ? 4  DA  B C2     1 
ATOM   492 N N3     . DA  B 2 4  ? -2.048  0.469   -9.107  1.00 0.00 ? 4  DA  B N3     1 
ATOM   493 C C4     . DA  B 2 4  ? -2.249  1.696   -8.558  1.00 0.00 ? 4  DA  B C4     1 
ATOM   494 H "H5'"  . DA  B 2 4  ? -4.664  4.914   -12.815 1.00 0.00 ? 4  DA  B "H5'"  1 
ATOM   495 H "H5''" . DA  B 2 4  ? -6.427  4.767   -12.807 1.00 0.00 ? 4  DA  B "H5''" 1 
ATOM   496 H "H4'"  . DA  B 2 4  ? -5.363  2.701   -12.235 1.00 0.00 ? 4  DA  B "H4'"  1 
ATOM   497 H "H3'"  . DA  B 2 4  ? -7.255  3.964   -10.376 1.00 0.00 ? 4  DA  B "H3'"  1 
ATOM   498 H "H2'"  . DA  B 2 4  ? -5.800  3.687   -8.643  1.00 0.00 ? 4  DA  B "H2'"  1 
ATOM   499 H "H2''" . DA  B 2 4  ? -6.325  2.000   -8.614  1.00 0.00 ? 4  DA  B "H2''" 1 
ATOM   500 H "H1'"  . DA  B 2 4  ? -4.483  1.345   -10.113 1.00 0.00 ? 4  DA  B "H1'"  1 
ATOM   501 H H8     . DA  B 2 4  ? -3.965  4.169   -7.448  1.00 0.00 ? 4  DA  B H8     1 
ATOM   502 H H61    . DA  B 2 4  ? 1.848   1.719   -7.127  1.00 0.00 ? 4  DA  B H61    1 
ATOM   503 H H62    . DA  B 2 4  ? 0.898   3.073   -6.529  1.00 0.00 ? 4  DA  B H62    1 
ATOM   504 H H2     . DA  B 2 4  ? -0.659  -1.039  -9.106  1.00 0.00 ? 4  DA  B H2     1 
ATOM   505 P P      . DT  B 2 5  ? -8.610  1.382   -10.414 1.00 0.00 ? 5  DT  B P      1 
ATOM   506 O OP1    . DT  B 2 5  ? -9.288  0.553   -11.441 1.00 0.00 ? 5  DT  B OP1    1 
ATOM   507 O OP2    . DT  B 2 5  ? -9.376  2.456   -9.746  1.00 0.00 ? 5  DT  B OP2    1 
ATOM   508 O "O5'"  . DT  B 2 5  ? -7.954  0.409   -9.315  1.00 0.00 ? 5  DT  B "O5'"  1 
ATOM   509 C "C5'"  . DT  B 2 5  ? -7.125  -0.673  -9.718  1.00 0.00 ? 5  DT  B "C5'"  1 
ATOM   510 C "C4'"  . DT  B 2 5  ? -6.234  -1.267  -8.604  1.00 0.00 ? 5  DT  B "C4'"  1 
ATOM   511 O "O4'"  . DT  B 2 5  ? -5.128  -0.466  -8.208  1.00 0.00 ? 5  DT  B "O4'"  1 
ATOM   512 C "C3'"  . DT  B 2 5  ? -6.959  -1.710  -7.316  1.00 0.00 ? 5  DT  B "C3'"  1 
ATOM   513 O "O3'"  . DT  B 2 5  ? -7.118  -3.112  -7.417  1.00 0.00 ? 5  DT  B "O3'"  1 
ATOM   514 C "C2'"  . DT  B 2 5  ? -5.979  -1.246  -6.219  1.00 0.00 ? 5  DT  B "C2'"  1 
ATOM   515 C "C1'"  . DT  B 2 5  ? -4.658  -1.006  -6.982  1.00 0.00 ? 5  DT  B "C1'"  1 
ATOM   516 N N1     . DT  B 2 5  ? -3.827  0.022   -6.320  1.00 0.00 ? 5  DT  B N1     1 
ATOM   517 C C2     . DT  B 2 5  ? -2.546  -0.259  -5.843  1.00 0.00 ? 5  DT  B C2     1 
ATOM   518 O O2     . DT  B 2 5  ? -1.894  -1.269  -6.057  1.00 0.00 ? 5  DT  B O2     1 
ATOM   519 N N3     . DT  B 2 5  ? -1.936  0.718   -5.115  1.00 0.00 ? 5  DT  B N3     1 
ATOM   520 C C4     . DT  B 2 5  ? -2.561  1.817   -4.585  1.00 0.00 ? 5  DT  B C4     1 
ATOM   521 O O4     . DT  B 2 5  ? -1.912  2.557   -3.864  1.00 0.00 ? 5  DT  B O4     1 
ATOM   522 C C5     . DT  B 2 5  ? -3.942  2.019   -5.048  1.00 0.00 ? 5  DT  B C5     1 
ATOM   523 C C7     . DT  B 2 5  ? -4.983  2.894   -4.354  1.00 0.00 ? 5  DT  B C7     1 
ATOM   524 C C6     . DT  B 2 5  ? -4.466  1.170   -5.954  1.00 0.00 ? 5  DT  B C6     1 
ATOM   525 H "H5'"  . DT  B 2 5  ? -6.450  -0.365  -10.520 1.00 0.00 ? 5  DT  B "H5'"  1 
ATOM   526 H "H5''" . DT  B 2 5  ? -7.767  -1.466  -10.108 1.00 0.00 ? 5  DT  B "H5''" 1 
ATOM   527 H "H4'"  . DT  B 2 5  ? -5.769  -2.145  -9.060  1.00 0.00 ? 5  DT  B "H4'"  1 
ATOM   528 H "H3'"  . DT  B 2 5  ? -7.925  -1.210  -7.211  1.00 0.00 ? 5  DT  B "H3'"  1 
ATOM   529 H "H2'"  . DT  B 2 5  ? -6.372  -0.338  -5.713  1.00 0.00 ? 5  DT  B "H2'"  1 
ATOM   530 H "H2''" . DT  B 2 5  ? -5.831  -1.986  -5.447  1.00 0.00 ? 5  DT  B "H2''" 1 
ATOM   531 H "H1'"  . DT  B 2 5  ? -4.133  -1.948  -7.157  1.00 0.00 ? 5  DT  B "H1'"  1 
ATOM   532 H H3     . DT  B 2 5  ? -0.947  0.645   -4.955  1.00 0.00 ? 5  DT  B H3     1 
ATOM   533 H H71    . DT  B 2 5  ? -5.905  2.279   -4.324  1.00 0.00 ? 5  DT  B H71    1 
ATOM   534 H H72    . DT  B 2 5  ? -4.669  3.127   -3.332  1.00 0.00 ? 5  DT  B H72    1 
ATOM   535 H H73    . DT  B 2 5  ? -5.155  3.817   -4.907  1.00 0.00 ? 5  DT  B H73    1 
ATOM   536 H H6     . DT  B 2 5  ? -5.449  1.365   -6.367  1.00 0.00 ? 5  DT  B H6     1 
ATOM   537 P P      . DG  B 2 6  ? -7.756  -4.017  -6.269  1.00 0.00 ? 6  DG  B P      1 
ATOM   538 O OP1    . DG  B 2 6  ? -8.412  -5.169  -6.934  1.00 0.00 ? 6  DG  B OP1    1 
ATOM   539 O OP2    . DG  B 2 6  ? -8.546  -3.160  -5.362  1.00 0.00 ? 6  DG  B OP2    1 
ATOM   540 O "O5'"  . DG  B 2 6  ? -6.441  -4.552  -5.517  1.00 0.00 ? 6  DG  B "O5'"  1 
ATOM   541 C "C5'"  . DG  B 2 6  ? -5.454  -5.275  -6.242  1.00 0.00 ? 6  DG  B "C5'"  1 
ATOM   542 C "C4'"  . DG  B 2 6  ? -4.249  -5.717  -5.396  1.00 0.00 ? 6  DG  B "C4'"  1 
ATOM   543 O "O4'"  . DG  B 2 6  ? -3.537  -4.587  -4.922  1.00 0.00 ? 6  DG  B "O4'"  1 
ATOM   544 C "C3'"  . DG  B 2 6  ? -4.615  -6.604  -4.192  1.00 0.00 ? 6  DG  B "C3'"  1 
ATOM   545 O "O3'"  . DG  B 2 6  ? -3.860  -7.799  -4.253  1.00 0.00 ? 6  DG  B "O3'"  1 
ATOM   546 C "C2'"  . DG  B 2 6  ? -4.326  -5.716  -2.988  1.00 0.00 ? 6  DG  B "C2'"  1 
ATOM   547 C "C1'"  . DG  B 2 6  ? -3.309  -4.729  -3.538  1.00 0.00 ? 6  DG  B "C1'"  1 
ATOM   548 N N9     . DG  B 2 6  ? -3.438  -3.381  -2.959  1.00 0.00 ? 6  DG  B N9     1 
ATOM   549 C C8     . DG  B 2 6  ? -4.534  -2.557  -2.966  1.00 0.00 ? 6  DG  B C8     1 
ATOM   550 N N7     . DG  B 2 6  ? -4.299  -1.341  -2.550  1.00 0.00 ? 6  DG  B N7     1 
ATOM   551 C C5     . DG  B 2 6  ? -2.934  -1.373  -2.222  1.00 0.00 ? 6  DG  B C5     1 
ATOM   552 C C6     . DG  B 2 6  ? -2.038  -0.394  -1.668  1.00 0.00 ? 6  DG  B C6     1 
ATOM   553 O O6     . DG  B 2 6  ? -2.263  0.761   -1.339  1.00 0.00 ? 6  DG  B O6     1 
ATOM   554 N N1     . DG  B 2 6  ? -0.758  -0.845  -1.457  1.00 0.00 ? 6  DG  B N1     1 
ATOM   555 C C2     . DG  B 2 6  ? -0.359  -2.076  -1.810  1.00 0.00 ? 6  DG  B C2     1 
ATOM   556 N N2     . DG  B 2 6  ? 0.813   -2.468  -1.442  1.00 0.00 ? 6  DG  B N2     1 
ATOM   557 N N3     . DG  B 2 6  ? -1.130  -3.025  -2.293  1.00 0.00 ? 6  DG  B N3     1 
ATOM   558 C C4     . DG  B 2 6  ? -2.411  -2.616  -2.484  1.00 0.00 ? 6  DG  B C4     1 
ATOM   559 H "H5'"  . DG  B 2 6  ? -5.064  -4.656  -7.055  1.00 0.00 ? 6  DG  B "H5'"  1 
ATOM   560 H "H5''" . DG  B 2 6  ? -5.900  -6.172  -6.677  1.00 0.00 ? 6  DG  B "H5''" 1 
ATOM   561 H "H4'"  . DG  B 2 6  ? -3.589  -6.267  -6.074  1.00 0.00 ? 6  DG  B "H4'"  1 
ATOM   562 H "H3'"  . DG  B 2 6  ? -5.669  -6.819  -4.200  1.00 0.00 ? 6  DG  B "H3'"  1 
ATOM   563 H "H2'"  . DG  B 2 6  ? -5.246  -5.207  -2.705  1.00 0.00 ? 6  DG  B "H2'"  1 
ATOM   564 H "H2''" . DG  B 2 6  ? -3.933  -6.257  -2.131  1.00 0.00 ? 6  DG  B "H2''" 1 
ATOM   565 H "H1'"  . DG  B 2 6  ? -2.341  -5.194  -3.384  1.00 0.00 ? 6  DG  B "H1'"  1 
ATOM   566 H H8     . DG  B 2 6  ? -5.509  -2.878  -3.302  1.00 0.00 ? 6  DG  B H8     1 
ATOM   567 H H1     . DG  B 2 6  ? -0.163  -0.152  -1.038  1.00 0.00 ? 6  DG  B H1     1 
ATOM   568 H H21    . DG  B 2 6  ? 1.262   -1.994  -0.686  1.00 0.00 ? 6  DG  B H21    1 
ATOM   569 H H22    . DG  B 2 6  ? 0.913   -3.452  -1.605  1.00 0.00 ? 6  DG  B H22    1 
ATOM   570 P P      . DA  B 2 7  ? -4.080  -9.010  -3.231  1.00 0.00 ? 7  DA  B P      1 
ATOM   571 O OP1    . DA  B 2 7  ? -3.584  -10.247 -3.886  1.00 0.00 ? 7  DA  B OP1    1 
ATOM   572 O OP2    . DA  B 2 7  ? -5.468  -8.982  -2.724  1.00 0.00 ? 7  DA  B OP2    1 
ATOM   573 O "O5'"  . DA  B 2 7  ? -3.064  -8.614  -2.055  1.00 0.00 ? 7  DA  B "O5'"  1 
ATOM   574 C "C5'"  . DA  B 2 7  ? -1.674  -8.519  -2.323  1.00 0.00 ? 7  DA  B "C5'"  1 
ATOM   575 C "C4'"  . DA  B 2 7  ? -0.844  -7.961  -1.153  1.00 0.00 ? 7  DA  B "C4'"  1 
ATOM   576 O "O4'"  . DA  B 2 7  ? -1.075  -6.568  -0.907  1.00 0.00 ? 7  DA  B "O4'"  1 
ATOM   577 C "C3'"  . DA  B 2 7  ? -1.063  -8.718  0.169   1.00 0.00 ? 7  DA  B "C3'"  1 
ATOM   578 O "O3'"  . DA  B 2 7  ? 0.160   -9.342  0.546   1.00 0.00 ? 7  DA  B "O3'"  1 
ATOM   579 C "C2'"  . DA  B 2 7  ? -1.494  -7.598  1.115   1.00 0.00 ? 7  DA  B "C2'"  1 
ATOM   580 C "C1'"  . DA  B 2 7  ? -0.969  -6.309  0.485   1.00 0.00 ? 7  DA  B "C1'"  1 
ATOM   581 N N9     . DA  B 2 7  ? -1.691  -5.041  0.808   1.00 0.00 ? 7  DA  B N9     1 
ATOM   582 C C8     . DA  B 2 7  ? -3.017  -4.756  0.600   1.00 0.00 ? 7  DA  B C8     1 
ATOM   583 N N7     . DA  B 2 7  ? -3.346  -3.502  0.790   1.00 0.00 ? 7  DA  B N7     1 
ATOM   584 C C5     . DA  B 2 7  ? -2.129  -2.890  1.148   1.00 0.00 ? 7  DA  B C5     1 
ATOM   585 C C6     . DA  B 2 7  ? -1.688  -1.566  1.459   1.00 0.00 ? 7  DA  B C6     1 
ATOM   586 N N6     . DA  B 2 7  ? -2.424  -0.470  1.473   1.00 0.00 ? 7  DA  B N6     1 
ATOM   587 N N1     . DA  B 2 7  ? -0.415  -1.296  1.744   1.00 0.00 ? 7  DA  B N1     1 
ATOM   588 C C2     . DA  B 2 7  ? 0.428   -2.317  1.766   1.00 0.00 ? 7  DA  B C2     1 
ATOM   589 N N3     . DA  B 2 7  ? 0.177   -3.594  1.488   1.00 0.00 ? 7  DA  B N3     1 
ATOM   590 C C4     . DA  B 2 7  ? -1.126  -3.827  1.172   1.00 0.00 ? 7  DA  B C4     1 
ATOM   591 H "H5'"  . DA  B 2 7  ? -1.489  -7.873  -3.185  1.00 0.00 ? 7  DA  B "H5'"  1 
ATOM   592 H "H5''" . DA  B 2 7  ? -1.298  -9.518  -2.559  1.00 0.00 ? 7  DA  B "H5''" 1 
ATOM   593 H "H4'"  . DA  B 2 7  ? 0.191   -8.094  -1.485  1.00 0.00 ? 7  DA  B "H4'"  1 
ATOM   594 H "H3'"  . DA  B 2 7  ? -1.857  -9.446  0.077   1.00 0.00 ? 7  DA  B "H3'"  1 
ATOM   595 H "H2'"  . DA  B 2 7  ? -2.560  -7.586  1.335   1.00 0.00 ? 7  DA  B "H2'"  1 
ATOM   596 H "H2''" . DA  B 2 7  ? -0.986  -7.807  2.024   1.00 0.00 ? 7  DA  B "H2''" 1 
ATOM   597 H "H1'"  . DA  B 2 7  ? 0.071   -6.252  0.798   1.00 0.00 ? 7  DA  B "H1'"  1 
ATOM   598 H H8     . DA  B 2 7  ? -3.733  -5.504  0.289   1.00 0.00 ? 7  DA  B H8     1 
ATOM   599 H H61    . DA  B 2 7  ? -1.969  0.419   1.608   1.00 0.00 ? 7  DA  B H61    1 
ATOM   600 H H62    . DA  B 2 7  ? -3.394  -0.537  1.224   1.00 0.00 ? 7  DA  B H62    1 
ATOM   601 H H2     . DA  B 2 7  ? 1.447   -2.092  2.034   1.00 0.00 ? 7  DA  B H2     1 
ATOM   602 P P      . DA  B 2 8  ? 0.297   -10.374 1.774   1.00 0.00 ? 8  DA  B P      1 
ATOM   603 O OP1    . DA  B 2 8  ? 1.127   -11.516 1.321   1.00 0.00 ? 8  DA  B OP1    1 
ATOM   604 O OP2    . DA  B 2 8  ? -1.037  -10.648 2.351   1.00 0.00 ? 8  DA  B OP2    1 
ATOM   605 O "O5'"  . DA  B 2 8  ? 1.160   -9.543  2.849   1.00 0.00 ? 8  DA  B "O5'"  1 
ATOM   606 C "C5'"  . DA  B 2 8  ? 2.485   -9.124  2.549   1.00 0.00 ? 8  DA  B "C5'"  1 
ATOM   607 C "C4'"  . DA  B 2 8  ? 3.036   -8.084  3.548   1.00 0.00 ? 8  DA  B "C4'"  1 
ATOM   608 O "O4'"  . DA  B 2 8  ? 2.178   -6.947  3.596   1.00 0.00 ? 8  DA  B "O4'"  1 
ATOM   609 C "C3'"  . DA  B 2 8  ? 3.221   -8.611  4.987   1.00 0.00 ? 8  DA  B "C3'"  1 
ATOM   610 O "O3'"  . DA  B 2 8  ? 4.505   -8.255  5.483   1.00 0.00 ? 8  DA  B "O3'"  1 
ATOM   611 C "C2'"  . DA  B 2 8  ? 2.089   -7.888  5.705   1.00 0.00 ? 8  DA  B "C2'"  1 
ATOM   612 C "C1'"  . DA  B 2 8  ? 2.020   -6.567  4.945   1.00 0.00 ? 8  DA  B "C1'"  1 
ATOM   613 N N9     . DA  B 2 8  ? 0.748   -5.810  5.073   1.00 0.00 ? 8  DA  B N9     1 
ATOM   614 C C8     . DA  B 2 8  ? -0.544  -6.275  5.174   1.00 0.00 ? 8  DA  B C8     1 
ATOM   615 N N7     . DA  B 2 8  ? -1.465  -5.376  4.942   1.00 0.00 ? 8  DA  B N7     1 
ATOM   616 C C5     . DA  B 2 8  ? -0.716  -4.196  4.778   1.00 0.00 ? 8  DA  B C5     1 
ATOM   617 C C6     . DA  B 2 8  ? -1.019  -2.816  4.663   1.00 0.00 ? 8  DA  B C6     1 
ATOM   618 N N6     . DA  B 2 8  ? -2.224  -2.322  4.479   1.00 0.00 ? 8  DA  B N6     1 
ATOM   619 N N1     . DA  B 2 8  ? -0.098  -1.871  4.841   1.00 0.00 ? 8  DA  B N1     1 
ATOM   620 C C2     . DA  B 2 8  ? 1.148   -2.272  5.052   1.00 0.00 ? 8  DA  B C2     1 
ATOM   621 N N3     . DA  B 2 8  ? 1.602   -3.520  5.109   1.00 0.00 ? 8  DA  B N3     1 
ATOM   622 C C4     . DA  B 2 8  ? 0.618   -4.446  4.959   1.00 0.00 ? 8  DA  B C4     1 
ATOM   623 H "H5'"  . DA  B 2 8  ? 2.513   -8.660  1.560   1.00 0.00 ? 8  DA  B "H5'"  1 
ATOM   624 H "H5''" . DA  B 2 8  ? 3.149   -9.992  2.533   1.00 0.00 ? 8  DA  B "H5''" 1 
ATOM   625 H "H4'"  . DA  B 2 8  ? 4.005   -7.748  3.175   1.00 0.00 ? 8  DA  B "H4'"  1 
ATOM   626 H "H3'"  . DA  B 2 8  ? 3.077   -9.684  5.023   1.00 0.00 ? 8  DA  B "H3'"  1 
ATOM   627 H "H2'"  . DA  B 2 8  ? 1.182   -8.472  5.556   1.00 0.00 ? 8  DA  B "H2'"  1 
ATOM   628 H "H2''" . DA  B 2 8  ? 2.292   -7.764  6.763   1.00 0.00 ? 8  DA  B "H2''" 1 
ATOM   629 H "H1'"  . DA  B 2 8  ? 2.896   -5.989  5.231   1.00 0.00 ? 8  DA  B "H1'"  1 
ATOM   630 H H8     . DA  B 2 8  ? -0.821  -7.280  5.465   1.00 0.00 ? 8  DA  B H8     1 
ATOM   631 H H61    . DA  B 2 8  ? -2.324  -1.320  4.444   1.00 0.00 ? 8  DA  B H61    1 
ATOM   632 H H62    . DA  B 2 8  ? -3.004  -2.948  4.404   1.00 0.00 ? 8  DA  B H62    1 
ATOM   633 H H2     . DA  B 2 8  ? 1.890   -1.515  5.250   1.00 0.00 ? 8  DA  B H2     1 
ATOM   634 P P      . DA  B 2 9  ? 5.115   -8.850  6.848   1.00 0.00 ? 9  DA  B P      1 
ATOM   635 O OP1    . DA  B 2 9  ? 6.493   -9.328  6.576   1.00 0.00 ? 9  DA  B OP1    1 
ATOM   636 O OP2    . DA  B 2 9  ? 4.152   -9.787  7.462   1.00 0.00 ? 9  DA  B OP2    1 
ATOM   637 O "O5'"  . DA  B 2 9  ? 5.234   -7.561  7.801   1.00 0.00 ? 9  DA  B "O5'"  1 
ATOM   638 C "C5'"  . DA  B 2 9  ? 6.164   -6.523  7.511   1.00 0.00 ? 9  DA  B "C5'"  1 
ATOM   639 C "C4'"  . DA  B 2 9  ? 5.993   -5.276  8.407   1.00 0.00 ? 9  DA  B "C4'"  1 
ATOM   640 O "O4'"  . DA  B 2 9  ? 4.705   -4.725  8.163   1.00 0.00 ? 9  DA  B "O4'"  1 
ATOM   641 C "C3'"  . DA  B 2 9  ? 6.131   -5.540  9.923   1.00 0.00 ? 9  DA  B "C3'"  1 
ATOM   642 O "O3'"  . DA  B 2 9  ? 6.730   -4.430  10.576  1.00 0.00 ? 9  DA  B "O3'"  1 
ATOM   643 C "C2'"  . DA  B 2 9  ? 4.666   -5.720  10.294  1.00 0.00 ? 9  DA  B "C2'"  1 
ATOM   644 C "C1'"  . DA  B 2 9  ? 3.976   -4.705  9.368   1.00 0.00 ? 9  DA  B "C1'"  1 
ATOM   645 N N9     . DA  B 2 9  ? 2.541   -4.883  9.032   1.00 0.00 ? 9  DA  B N9     1 
ATOM   646 C C8     . DA  B 2 9  ? 1.794   -6.010  8.754   1.00 0.00 ? 9  DA  B C8     1 
ATOM   647 N N7     . DA  B 2 9  ? 0.593   -5.766  8.304   1.00 0.00 ? 9  DA  B N7     1 
ATOM   648 C C5     . DA  B 2 9  ? 0.541   -4.364  8.280   1.00 0.00 ? 9  DA  B C5     1 
ATOM   649 C C6     . DA  B 2 9  ? -0.432  -3.386  7.968   1.00 0.00 ? 9  DA  B C6     1 
ATOM   650 N N6     . DA  B 2 9  ? -1.627  -3.664  7.513   1.00 0.00 ? 9  DA  B N6     1 
ATOM   651 N N1     . DA  B 2 9  ? -0.202  -2.079  8.099   1.00 0.00 ? 9  DA  B N1     1 
ATOM   652 C C2     . DA  B 2 9  ? 1.001   -1.717  8.525   1.00 0.00 ? 9  DA  B C2     1 
ATOM   653 N N3     . DA  B 2 9  ? 2.000   -2.513  8.882   1.00 0.00 ? 9  DA  B N3     1 
ATOM   654 C C4     . DA  B 2 9  ? 1.717   -3.831  8.718   1.00 0.00 ? 9  DA  B C4     1 
ATOM   655 H "H5'"  . DA  B 2 9  ? 6.040   -6.197  6.475   1.00 0.00 ? 9  DA  B "H5'"  1 
ATOM   656 H "H5''" . DA  B 2 9  ? 7.181   -6.899  7.630   1.00 0.00 ? 9  DA  B "H5''" 1 
ATOM   657 H "H4'"  . DA  B 2 9  ? 6.741   -4.545  8.097   1.00 0.00 ? 9  DA  B "H4'"  1 
ATOM   658 H "H3'"  . DA  B 2 9  ? 6.717   -6.443  10.110  1.00 0.00 ? 9  DA  B "H3'"  1 
ATOM   659 H "H2'"  . DA  B 2 9  ? 4.453   -6.760  10.078  1.00 0.00 ? 9  DA  B "H2'"  1 
ATOM   660 H "H2''" . DA  B 2 9  ? 4.492   -5.531  11.344  1.00 0.00 ? 9  DA  B "H2''" 1 
ATOM   661 H "H1'"  . DA  B 2 9  ? 4.124   -3.723  9.822   1.00 0.00 ? 9  DA  B "H1'"  1 
ATOM   662 H H8     . DA  B 2 9  ? 2.083   -7.039  8.903   1.00 0.00 ? 9  DA  B H8     1 
ATOM   663 H H61    . DA  B 2 9  ? -2.239  -2.888  7.319   1.00 0.00 ? 9  DA  B H61    1 
ATOM   664 H H62    . DA  B 2 9  ? -1.837  -4.606  7.223   1.00 0.00 ? 9  DA  B H62    1 
ATOM   665 H H2     . DA  B 2 9  ? 1.218   -0.668  8.649   1.00 0.00 ? 9  DA  B H2     1 
ATOM   666 P P      . DT  B 2 10 ? 6.945   -4.357  12.169  1.00 0.00 ? 10 DT  B P      1 
ATOM   667 O OP1    . DT  B 2 10 ? 8.220   -3.650  12.438  1.00 0.00 ? 10 DT  B OP1    1 
ATOM   668 O OP2    . DT  B 2 10 ? 6.755   -5.704  12.753  1.00 0.00 ? 10 DT  B OP2    1 
ATOM   669 O "O5'"  . DT  B 2 10 ? 5.742   -3.409  12.672  1.00 0.00 ? 10 DT  B "O5'"  1 
ATOM   670 C "C5'"  . DT  B 2 10 ? 5.690   -2.042  12.276  1.00 0.00 ? 10 DT  B "C5'"  1 
ATOM   671 C "C4'"  . DT  B 2 10 ? 4.363   -1.341  12.627  1.00 0.00 ? 10 DT  B "C4'"  1 
ATOM   672 O "O4'"  . DT  B 2 10 ? 3.296   -1.986  11.946  1.00 0.00 ? 10 DT  B "O4'"  1 
ATOM   673 C "C3'"  . DT  B 2 10 ? 4.013   -1.279  14.135  1.00 0.00 ? 10 DT  B "C3'"  1 
ATOM   674 O "O3'"  . DT  B 2 10 ? 3.693   0.051   14.527  1.00 0.00 ? 10 DT  B "O3'"  1 
ATOM   675 C "C2'"  . DT  B 2 10 ? 2.779   -2.170  14.171  1.00 0.00 ? 10 DT  B "C2'"  1 
ATOM   676 C "C1'"  . DT  B 2 10 ? 2.176   -1.961  12.783  1.00 0.00 ? 10 DT  B "C1'"  1 
ATOM   677 N N1     . DT  B 2 10 ? 1.256   -3.037  12.339  1.00 0.00 ? 10 DT  B N1     1 
ATOM   678 C C2     . DT  B 2 10 ? 0.124   -2.629  11.650  1.00 0.00 ? 10 DT  B C2     1 
ATOM   679 O O2     . DT  B 2 10 ? -0.262  -1.474  11.568  1.00 0.00 ? 10 DT  B O2     1 
ATOM   680 N N3     . DT  B 2 10 ? -0.652  -3.601  11.119  1.00 0.00 ? 10 DT  B N3     1 
ATOM   681 C C4     . DT  B 2 10 ? -0.471  -4.943  11.240  1.00 0.00 ? 10 DT  B C4     1 
ATOM   682 O O4     . DT  B 2 10 ? -1.364  -5.680  10.857  1.00 0.00 ? 10 DT  B O4     1 
ATOM   683 C C5     . DT  B 2 10 ? 0.791   -5.338  11.872  1.00 0.00 ? 10 DT  B C5     1 
ATOM   684 C C7     . DT  B 2 10 ? 1.249   -6.803  11.885  1.00 0.00 ? 10 DT  B C7     1 
ATOM   685 C C6     . DT  B 2 10 ? 1.596   -4.378  12.404  1.00 0.00 ? 10 DT  B C6     1 
ATOM   686 H "H5'"  . DT  B 2 10 ? 5.808   -1.966  11.191  1.00 0.00 ? 10 DT  B "H5'"  1 
ATOM   687 H "H5''" . DT  B 2 10 ? 6.507   -1.492  12.747  1.00 0.00 ? 10 DT  B "H5''" 1 
ATOM   688 H "H4'"  . DT  B 2 10 ? 4.418   -0.321  12.238  1.00 0.00 ? 10 DT  B "H4'"  1 
ATOM   689 H "H3'"  . DT  B 2 10 ? 4.821   -1.685  14.749  1.00 0.00 ? 10 DT  B "H3'"  1 
ATOM   690 H "H2'"  . DT  B 2 10 ? 3.112   -3.191  14.327  1.00 0.00 ? 10 DT  B "H2'"  1 
ATOM   691 H "H2''" . DT  B 2 10 ? 2.108   -1.876  14.960  1.00 0.00 ? 10 DT  B "H2''" 1 
ATOM   692 H "H1'"  . DT  B 2 10 ? 1.736   -0.961  12.755  1.00 0.00 ? 10 DT  B "H1'"  1 
ATOM   693 H H3     . DT  B 2 10 ? -1.475  -3.290  10.635  1.00 0.00 ? 10 DT  B H3     1 
ATOM   694 H H71    . DT  B 2 10 ? 0.954   -7.287  12.809  1.00 0.00 ? 10 DT  B H71    1 
ATOM   695 H H72    . DT  B 2 10 ? 0.777   -7.347  11.062  1.00 0.00 ? 10 DT  B H72    1 
ATOM   696 H H73    . DT  B 2 10 ? 2.331   -6.883  11.763  1.00 0.00 ? 10 DT  B H73    1 
ATOM   697 H H6     . DT  B 2 10 ? 2.513   -4.672  12.890  1.00 0.00 ? 10 DT  B H6     1 
ATOM   698 P P      . DC  B 2 11 ? 3.317   0.473   16.034  1.00 0.00 ? 11 DC  B P      1 
ATOM   699 O OP1    . DC  B 2 11 ? 4.206   1.570   16.474  1.00 0.00 ? 11 DC  B OP1    1 
ATOM   700 O OP2    . DC  B 2 11 ? 3.205   -0.729  16.892  1.00 0.00 ? 11 DC  B OP2    1 
ATOM   701 O "O5'"  . DC  B 2 11 ? 1.829   1.069   15.913  1.00 0.00 ? 11 DC  B "O5'"  1 
ATOM   702 C "C5'"  . DC  B 2 11 ? 1.556   2.224   15.130  1.00 0.00 ? 11 DC  B "C5'"  1 
ATOM   703 C "C4'"  . DC  B 2 11 ? 0.043   2.480   14.969  1.00 0.00 ? 11 DC  B "C4'"  1 
ATOM   704 O "O4'"  . DC  B 2 11 ? -0.518  1.380   14.272  1.00 0.00 ? 11 DC  B "O4'"  1 
ATOM   705 C "C3'"  . DC  B 2 11 ? -0.710  2.676   16.302  1.00 0.00 ? 11 DC  B "C3'"  1 
ATOM   706 O "O3'"  . DC  B 2 11 ? -1.621  3.764   16.258  1.00 0.00 ? 11 DC  B "O3'"  1 
ATOM   707 C "C2'"  . DC  B 2 11 ? -1.499  1.374   16.433  1.00 0.00 ? 11 DC  B "C2'"  1 
ATOM   708 C "C1'"  . DC  B 2 11 ? -1.586  0.848   15.002  1.00 0.00 ? 11 DC  B "C1'"  1 
ATOM   709 N N1     . DC  B 2 11 ? -1.456  -0.624  14.929  1.00 0.00 ? 11 DC  B N1     1 
ATOM   710 C C2     . DC  B 2 11 ? -2.405  -1.309  14.202  1.00 0.00 ? 11 DC  B C2     1 
ATOM   711 O O2     . DC  B 2 11 ? -3.467  -0.785  13.889  1.00 0.00 ? 11 DC  B O2     1 
ATOM   712 N N3     . DC  B 2 11 ? -2.271  -2.623  13.970  1.00 0.00 ? 11 DC  B N3     1 
ATOM   713 C C4     . DC  B 2 11 ? -1.242  -3.258  14.450  1.00 0.00 ? 11 DC  B C4     1 
ATOM   714 N N4     . DC  B 2 11 ? -1.259  -4.532  14.255  1.00 0.00 ? 11 DC  B N4     1 
ATOM   715 C C5     . DC  B 2 11 ? -0.300  -2.656  15.309  1.00 0.00 ? 11 DC  B C5     1 
ATOM   716 C C6     . DC  B 2 11 ? -0.412  -1.318  15.492  1.00 0.00 ? 11 DC  B C6     1 
ATOM   717 H "H5'"  . DC  B 2 11 ? 1.973   2.103   14.126  1.00 0.00 ? 11 DC  B "H5'"  1 
ATOM   718 H "H5''" . DC  B 2 11 ? 2.014   3.099   15.592  1.00 0.00 ? 11 DC  B "H5''" 1 
ATOM   719 H "H4'"  . DC  B 2 11 ? -0.084  3.371   14.350  1.00 0.00 ? 11 DC  B "H4'"  1 
ATOM   720 H "H3'"  . DC  B 2 11 ? 0.014   2.779   17.112  1.00 0.00 ? 11 DC  B "H3'"  1 
ATOM   721 H "H2'"  . DC  B 2 11 ? -0.933  0.698   17.057  1.00 0.00 ? 11 DC  B "H2'"  1 
ATOM   722 H "H2''" . DC  B 2 11 ? -2.490  1.516   16.857  1.00 0.00 ? 11 DC  B "H2''" 1 
ATOM   723 H "H1'"  . DC  B 2 11 ? -2.496  1.254   14.555  1.00 0.00 ? 11 DC  B "H1'"  1 
ATOM   724 H H41    . DC  B 2 11 ? -2.033  -4.812  13.665  1.00 0.00 ? 11 DC  B H41    1 
ATOM   725 H H42    . DC  B 2 11 ? -0.578  -5.166  14.617  1.00 0.00 ? 11 DC  B H42    1 
ATOM   726 H H5     . DC  B 2 11 ? 0.519   -3.210  15.735  1.00 0.00 ? 11 DC  B H5     1 
ATOM   727 H H6     . DC  B 2 11 ? 0.326   -0.812  16.097  1.00 0.00 ? 11 DC  B H6     1 
ATOM   728 P P      . DC  B 2 12 ? -1.917  4.654   17.560  1.00 0.00 ? 12 DC  B P      1 
ATOM   729 O OP1    . DC  B 2 12 ? -2.924  5.694   17.259  1.00 0.00 ? 12 DC  B OP1    1 
ATOM   730 O OP2    . DC  B 2 12 ? -0.642  5.043   18.198  1.00 0.00 ? 12 DC  B OP2    1 
ATOM   731 O "O5'"  . DC  B 2 12 ? -2.610  3.631   18.572  1.00 0.00 ? 12 DC  B "O5'"  1 
ATOM   732 C "C5'"  . DC  B 2 12 ? -3.989  3.333   18.507  1.00 0.00 ? 12 DC  B "C5'"  1 
ATOM   733 C "C4'"  . DC  B 2 12 ? -4.344  2.344   19.632  1.00 0.00 ? 12 DC  B "C4'"  1 
ATOM   734 O "O4'"  . DC  B 2 12 ? -3.613  1.133   19.455  1.00 0.00 ? 12 DC  B "O4'"  1 
ATOM   735 C "C3'"  . DC  B 2 12 ? -3.974  2.910   21.018  1.00 0.00 ? 12 DC  B "C3'"  1 
ATOM   736 O "O3'"  . DC  B 2 12 ? -4.825  2.425   22.047  1.00 0.00 ? 12 DC  B "O3'"  1 
ATOM   737 C "C2'"  . DC  B 2 12 ? -2.588  2.335   21.257  1.00 0.00 ? 12 DC  B "C2'"  1 
ATOM   738 C "C1'"  . DC  B 2 12 ? -2.743  0.989   20.557  1.00 0.00 ? 12 DC  B "C1'"  1 
ATOM   739 N N1     . DC  B 2 12 ? -1.486  0.353   20.109  1.00 0.00 ? 12 DC  B N1     1 
ATOM   740 C C2     . DC  B 2 12 ? -1.528  -1.023  20.007  1.00 0.00 ? 12 DC  B C2     1 
ATOM   741 O O2     . DC  B 2 12 ? -2.567  -1.644  20.205  1.00 0.00 ? 12 DC  B O2     1 
ATOM   742 N N3     . DC  B 2 12 ? -0.450  -1.721  19.619  1.00 0.00 ? 12 DC  B N3     1 
ATOM   743 C C4     . DC  B 2 12 ? 0.613   -1.074  19.218  1.00 0.00 ? 12 DC  B C4     1 
ATOM   744 N N4     . DC  B 2 12 ? 1.494   -1.847  18.688  1.00 0.00 ? 12 DC  B N4     1 
ATOM   745 C C5     . DC  B 2 12 ? 0.671   0.338   19.146  1.00 0.00 ? 12 DC  B C5     1 
ATOM   746 C C6     . DC  B 2 12 ? -0.409  1.030   19.586  1.00 0.00 ? 12 DC  B C6     1 
ATOM   747 H "H5'"  . DC  B 2 12 ? -4.249  2.900   17.538  1.00 0.00 ? 12 DC  B "H5'"  1 
ATOM   748 H "H5''" . DC  B 2 12 ? -4.580  4.241   18.648  1.00 0.00 ? 12 DC  B "H5''" 1 
ATOM   749 H "H4'"  . DC  B 2 12 ? -5.414  2.140   19.582  1.00 0.00 ? 12 DC  B "H4'"  1 
ATOM   750 H "H3'"  . DC  B 2 12 ? -3.970  4.001   21.037  1.00 0.00 ? 12 DC  B "H3'"  1 
ATOM   751 H "H2'"  . DC  B 2 12 ? -1.857  2.983   20.783  1.00 0.00 ? 12 DC  B "H2'"  1 
ATOM   752 H "H2''" . DC  B 2 12 ? -2.352  2.223   22.314  1.00 0.00 ? 12 DC  B "H2''" 1 
ATOM   753 H "H1'"  . DC  B 2 12 ? -3.266  0.361   21.283  1.00 0.00 ? 12 DC  B "H1'"  1 
ATOM   754 H H41    . DC  B 2 12 ? 1.142   -2.777  18.543  1.00 0.00 ? 12 DC  B H41    1 
ATOM   755 H H42    . DC  B 2 12 ? 2.176   -1.422  18.056  1.00 0.00 ? 12 DC  B H42    1 
ATOM   756 H H5     . DC  B 2 12 ? 1.499   0.839   18.668  1.00 0.00 ? 12 DC  B H5     1 
ATOM   757 H H6     . DC  B 2 12 ? -0.418  2.108   19.473  1.00 0.00 ? 12 DC  B H6     1 
# 
